data_5Y6Q
#
_entry.id   5Y6Q
#
_cell.length_a   77.972
_cell.length_b   77.972
_cell.length_c   400.340
_cell.angle_alpha   90.00
_cell.angle_beta   90.00
_cell.angle_gamma   90.00
#
_symmetry.space_group_name_H-M   'P 41 21 2'
#
loop_
_entity.id
_entity.type
_entity.pdbx_description
1 polymer 'Aldehyde oxidase small subunit'
2 polymer 'Aldehyde oxidase medium subunit'
3 polymer 'Aldehyde oxidase large subunit'
4 non-polymer 'FE2/S2 (INORGANIC) CLUSTER'
5 non-polymer 'SULFATE ION'
6 non-polymer 'FLAVIN-ADENINE DINUCLEOTIDE'
7 non-polymer 'IRON/SULFUR CLUSTER'
8 non-polymer GLYCEROL
9 non-polymer 'DIOXOTHIOMOLYBDENUM(VI) ION'
10 non-polymer 'PTERIN CYTOSINE DINUCLEOTIDE'
11 non-polymer 'ISOPROPYL ALCOHOL'
12 water water
#
loop_
_entity_poly.entity_id
_entity_poly.type
_entity_poly.pdbx_seq_one_letter_code
_entity_poly.pdbx_strand_id
1 'polypeptide(L)'
;MSERISLTMQVNGQPYPMEIDPRVTLLDALREHLNLTGTKKGCDQGQCGACTVLVNGQRVLSCLTLAAQADGAEVTSIEG
LQSASGELHPVQRCFVENDAFQCGYCTPGQIMSAVACIKEGHAGSDDEIREYMSGNLCRCGAYPHIIDAIKQAAAEMAKE
SA
;
A
2 'polypeptide(L)'
;MNPFHWKVAQSASEAAALKQQSGSQILAGGTTQLDLMKCGVFNPPQLIGINGLSELRSLSFDNDKISAGALITMSQLADH
PDCQQHAPAIYGSLWQAASPQIRNMATLGGNLRQRTRCAYYRDPATFSACNKRNPGSGCAARQGVNSNHAILGASDSCIA
VYPGDLAVALVAFDAVVIVQNPQGETRRIAIDDFFLLPGETPDQEHDLRDDEIIVAIEVPQTASLQRSHYLKVRDRSSYE
FAAASAAAGFTLENGVMRQVHIALGGVATKPWRATRVEQALEGQPFNEETVFQAAELINQETQALEHNAYKVKLAPRVIA
RALMAAGEIA
;
B
3 'polypeptide(L)'
;MSEVNHDARQAKHIPEATAGDTATAEAGSPIEGLGAARSRGDGRVKVIGEARYAIEHQPENPLYGVVLQSTVASGRISRL
SAEKALQADGVLAVYTHLNPLKINKPTAIADGGAAQSTYTPIQDDVIIHNGQNIGIVIAETFEQATWAASLVEIEYETTP
ARVFATDEGVEAKPMSAQDIDLGDAATAMHSAEVRINQRYTTPREYNMPMEPHACIAHWHEGQITVWEPSQWVAGAQVEI
AEWLGIETEKVRIISPYVGGGFGSKPVPYTHVALASVASRALNRPVKVSLTRPQTFTGLGGRPATSQQLELGASRDGKIE
AIIQRSFSETSLIDVFAENCSKVTARMYAVSNVSAQHQVRLINTVTPGWMRAPGENPSAFGLEVAMDELAYALDIDPLEL
RLRNWADKDYQLDLPWSTRRLKEAYQKGAEAFGWDKRIMTPRSMREGRELIGWGMASGTYPVNRLPAEAKIILTPQGRFV
VQCAGADIGTGTYTILAQTAADHLGVGSETIEVELGDTALPRAGVAGGSQLAGNLTAAVNDTAKKMRERLLALASELPAS
PLSGLPVSQFTLQDGAIQHSGGSGLSLAQLATLAPPDSLSVKGGTFPDDMPQSERDKIVRNLNDMSRPEAFSAHSWSAQF
VEVRVDEDFGTIRVKRMVAALDSGRLYNPKLARSQWIGGMIMGVGQALMEEGIVDPRNGRVINNNLADYLVPVNGDIPSI
TTINVGEPDFEATTMGGKAVGELGIVGVAAAISNAVFHATGKRVRGLPITLDKII
;
C
#
# COMPACT_ATOMS: atom_id res chain seq x y z
N GLU A 3 20.49 28.90 11.97
CA GLU A 3 20.11 27.64 12.63
C GLU A 3 18.58 27.50 12.67
N ARG A 4 17.89 28.64 12.63
CA ARG A 4 16.43 28.66 12.67
C ARG A 4 15.94 29.70 11.67
N ILE A 5 14.68 29.55 11.26
CA ILE A 5 14.04 30.50 10.37
C ILE A 5 12.67 30.86 10.92
N SER A 6 12.16 32.00 10.47
CA SER A 6 10.86 32.52 10.88
C SER A 6 9.97 32.69 9.67
N LEU A 7 8.71 32.32 9.83
CA LEU A 7 7.76 32.42 8.73
C LEU A 7 6.36 32.51 9.33
N THR A 8 5.42 33.02 8.54
CA THR A 8 4.01 32.98 8.89
C THR A 8 3.24 32.25 7.79
N MET A 9 2.32 31.40 8.22
CA MET A 9 1.59 30.51 7.34
C MET A 9 0.10 30.69 7.59
N GLN A 10 -0.69 30.70 6.52
CA GLN A 10 -2.14 30.70 6.65
C GLN A 10 -2.59 29.26 6.61
N VAL A 11 -3.05 28.74 7.73
CA VAL A 11 -3.51 27.36 7.83
C VAL A 11 -4.99 27.42 8.16
N ASN A 12 -5.83 27.04 7.20
CA ASN A 12 -7.27 26.97 7.42
C ASN A 12 -7.81 28.30 7.95
N GLY A 13 -7.34 29.40 7.38
CA GLY A 13 -7.87 30.71 7.71
C GLY A 13 -7.31 31.36 8.95
N GLN A 14 -6.26 30.81 9.56
CA GLN A 14 -5.68 31.45 10.73
C GLN A 14 -4.19 31.61 10.56
N PRO A 15 -3.61 32.73 11.03
CA PRO A 15 -2.17 32.94 10.91
C PRO A 15 -1.40 32.10 11.91
N TYR A 16 -0.27 31.57 11.47
CA TYR A 16 0.60 30.74 12.31
C TYR A 16 2.05 31.17 12.16
N PRO A 17 2.51 32.11 12.98
CA PRO A 17 3.95 32.40 13.01
C PRO A 17 4.72 31.24 13.61
N MET A 18 5.85 30.92 12.99
CA MET A 18 6.68 29.81 13.45
C MET A 18 8.14 30.22 13.43
N GLU A 19 8.90 29.68 14.38
CA GLU A 19 10.36 29.71 14.34
C GLU A 19 10.83 28.26 14.50
N ILE A 20 11.46 27.72 13.46
CA ILE A 20 11.67 26.28 13.35
C ILE A 20 13.01 25.97 12.69
N ASP A 21 13.46 24.75 12.91
CA ASP A 21 14.49 24.15 12.08
C ASP A 21 14.05 24.23 10.62
N PRO A 22 14.89 24.78 9.73
CA PRO A 22 14.48 24.88 8.32
C PRO A 22 14.22 23.53 7.68
N ARG A 23 14.70 22.44 8.28
CA ARG A 23 14.45 21.12 7.73
C ARG A 23 13.02 20.65 7.91
N VAL A 24 12.22 21.32 8.74
CA VAL A 24 10.88 20.82 9.03
C VAL A 24 10.02 20.95 7.78
N THR A 25 9.45 19.83 7.34
CA THR A 25 8.54 19.84 6.21
C THR A 25 7.21 20.46 6.61
N LEU A 26 6.45 20.91 5.60
CA LEU A 26 5.10 21.35 5.87
C LEU A 26 4.28 20.26 6.54
N LEU A 27 4.50 19.01 6.11
CA LEU A 27 3.78 17.88 6.69
C LEU A 27 4.02 17.79 8.18
N ASP A 28 5.28 17.90 8.60
CA ASP A 28 5.57 17.78 10.03
C ASP A 28 5.35 19.08 10.79
N ALA A 29 5.27 20.21 10.09
CA ALA A 29 4.84 21.43 10.77
C ALA A 29 3.38 21.33 11.18
N LEU A 30 2.53 20.75 10.30
CA LEU A 30 1.13 20.54 10.65
C LEU A 30 1.00 19.51 11.77
N ARG A 31 1.72 18.40 11.66
CA ARG A 31 1.58 17.29 12.60
C ARG A 31 2.28 17.58 13.92
N GLU A 32 3.61 17.74 13.89
CA GLU A 32 4.36 17.82 15.14
C GLU A 32 4.25 19.18 15.82
N HIS A 33 3.98 20.25 15.08
CA HIS A 33 4.02 21.61 15.63
C HIS A 33 2.63 22.17 15.90
N LEU A 34 1.82 22.34 14.85
CA LEU A 34 0.48 22.92 14.99
C LEU A 34 -0.52 21.96 15.61
N ASN A 35 -0.15 20.70 15.85
CA ASN A 35 -1.06 19.71 16.41
C ASN A 35 -2.24 19.45 15.48
N LEU A 36 -2.06 19.63 14.18
CA LEU A 36 -3.07 19.19 13.22
C LEU A 36 -2.54 17.89 12.63
N THR A 37 -3.11 16.79 13.08
CA THR A 37 -2.63 15.46 12.73
C THR A 37 -3.44 14.82 11.63
N GLY A 38 -4.42 15.55 11.09
CA GLY A 38 -5.25 14.99 10.04
C GLY A 38 -4.46 14.65 8.80
N THR A 39 -3.47 15.49 8.47
CA THR A 39 -2.56 15.17 7.38
C THR A 39 -1.64 14.04 7.82
N LYS A 40 -1.48 13.03 6.96
CA LYS A 40 -0.83 11.79 7.33
C LYS A 40 0.51 11.64 6.61
N LYS A 41 1.43 10.92 7.25
CA LYS A 41 2.70 10.58 6.62
C LYS A 41 2.72 9.07 6.38
N GLY A 42 2.54 8.65 5.13
CA GLY A 42 2.67 7.25 4.79
C GLY A 42 3.97 6.81 4.16
N CYS A 43 4.69 7.74 3.55
CA CYS A 43 5.95 7.43 2.88
C CYS A 43 7.02 8.43 3.29
N ASP A 44 6.74 9.72 3.05
CA ASP A 44 7.58 10.90 3.26
C ASP A 44 8.45 11.22 2.05
N GLN A 45 8.51 10.33 1.06
CA GLN A 45 9.25 10.58 -0.18
C GLN A 45 8.37 10.99 -1.35
N GLY A 46 7.07 11.17 -1.16
CA GLY A 46 6.23 11.63 -2.25
C GLY A 46 5.67 10.54 -3.13
N GLN A 47 5.70 9.29 -2.66
CA GLN A 47 5.28 8.13 -3.46
C GLN A 47 3.87 7.65 -3.15
N CYS A 48 3.15 8.29 -2.23
CA CYS A 48 1.89 7.75 -1.73
C CYS A 48 0.76 8.77 -1.78
N GLY A 49 0.94 9.89 -1.11
CA GLY A 49 -0.04 10.96 -1.17
C GLY A 49 -0.92 11.11 0.04
N ALA A 50 -0.65 10.36 1.11
CA ALA A 50 -1.42 10.51 2.34
C ALA A 50 -1.25 11.89 2.95
N CYS A 51 -0.22 12.62 2.52
CA CYS A 51 0.12 13.95 3.00
C CYS A 51 -0.49 15.05 2.16
N THR A 52 -1.33 14.70 1.18
CA THR A 52 -1.89 15.69 0.28
C THR A 52 -2.64 16.76 1.05
N VAL A 53 -2.28 18.03 0.79
CA VAL A 53 -2.94 19.19 1.32
C VAL A 53 -3.17 20.18 0.19
N LEU A 54 -3.75 21.33 0.51
CA LEU A 54 -3.92 22.41 -0.45
C LEU A 54 -3.01 23.56 -0.05
N VAL A 55 -2.22 24.05 -1.01
CA VAL A 55 -1.44 25.26 -0.84
C VAL A 55 -1.87 26.25 -1.92
N ASN A 56 -2.42 27.39 -1.48
CA ASN A 56 -2.96 28.38 -2.40
C ASN A 56 -3.97 27.76 -3.37
N GLY A 57 -4.82 26.89 -2.84
CA GLY A 57 -5.89 26.27 -3.60
C GLY A 57 -5.50 25.04 -4.40
N GLN A 58 -4.22 24.68 -4.45
CA GLN A 58 -3.76 23.59 -5.29
C GLN A 58 -3.30 22.41 -4.45
N ARG A 59 -3.66 21.20 -4.89
CA ARG A 59 -3.24 20.02 -4.15
C ARG A 59 -1.76 19.77 -4.39
N VAL A 60 -1.02 19.59 -3.29
CA VAL A 60 0.41 19.29 -3.31
C VAL A 60 0.69 18.21 -2.28
N LEU A 61 1.94 17.78 -2.20
CA LEU A 61 2.39 16.83 -1.21
C LEU A 61 3.19 17.58 -0.15
N SER A 62 2.68 17.59 1.08
CA SER A 62 3.31 18.36 2.13
C SER A 62 4.60 17.75 2.64
N CYS A 63 4.86 16.47 2.33
CA CYS A 63 6.12 15.88 2.77
C CYS A 63 7.29 16.35 1.93
N LEU A 64 7.06 16.71 0.68
CA LEU A 64 8.06 17.31 -0.20
C LEU A 64 8.01 18.82 -0.23
N THR A 65 7.20 19.44 0.63
CA THR A 65 7.16 20.89 0.78
C THR A 65 7.79 21.28 2.10
N LEU A 66 8.80 22.14 2.05
CA LEU A 66 9.36 22.69 3.29
C LEU A 66 8.39 23.72 3.84
N ALA A 67 8.29 23.76 5.17
CA ALA A 67 7.53 24.82 5.81
C ALA A 67 8.06 26.20 5.41
N ALA A 68 9.34 26.29 5.08
CA ALA A 68 9.89 27.54 4.57
C ALA A 68 9.22 27.94 3.26
N GLN A 69 8.92 26.97 2.39
CA GLN A 69 8.28 27.30 1.12
C GLN A 69 6.83 27.74 1.30
N ALA A 70 6.24 27.49 2.46
CA ALA A 70 4.87 27.89 2.72
C ALA A 70 4.76 29.28 3.33
N ASP A 71 5.88 30.00 3.44
CA ASP A 71 5.85 31.35 4.01
C ASP A 71 4.93 32.25 3.20
N GLY A 72 3.98 32.89 3.88
CA GLY A 72 3.04 33.75 3.19
C GLY A 72 2.11 33.01 2.25
N ALA A 73 1.85 31.74 2.50
CA ALA A 73 0.98 30.94 1.64
C ALA A 73 -0.23 30.48 2.43
N GLU A 74 -1.30 30.17 1.71
CA GLU A 74 -2.54 29.67 2.30
C GLU A 74 -2.52 28.15 2.24
N VAL A 75 -2.47 27.51 3.40
CA VAL A 75 -2.51 26.06 3.50
C VAL A 75 -3.90 25.66 3.97
N THR A 76 -4.50 24.70 3.28
CA THR A 76 -5.78 24.10 3.68
C THR A 76 -5.53 22.62 3.93
N SER A 77 -5.68 22.20 5.18
CA SER A 77 -5.52 20.80 5.53
C SER A 77 -6.91 20.15 5.58
N ILE A 78 -6.95 18.88 6.02
CA ILE A 78 -8.24 18.20 6.09
C ILE A 78 -9.12 18.82 7.16
N GLU A 79 -8.51 19.41 8.20
CA GLU A 79 -9.28 19.97 9.30
C GLU A 79 -10.02 21.25 8.91
N GLY A 80 -9.71 21.84 7.77
CA GLY A 80 -10.33 23.06 7.32
C GLY A 80 -11.40 22.91 6.26
N LEU A 81 -11.80 21.69 5.93
CA LEU A 81 -12.83 21.53 4.90
C LEU A 81 -14.22 21.82 5.44
N GLN A 82 -14.46 21.54 6.72
CA GLN A 82 -15.74 21.92 7.33
C GLN A 82 -15.92 23.42 7.29
N SER A 83 -17.17 23.86 7.24
CA SER A 83 -17.47 25.28 7.26
C SER A 83 -17.23 25.85 8.66
N ALA A 84 -17.44 27.16 8.81
CA ALA A 84 -17.28 27.80 10.10
C ALA A 84 -18.18 27.16 11.15
N SER A 85 -19.38 26.74 10.75
CA SER A 85 -20.22 25.94 11.63
C SER A 85 -19.80 24.50 11.66
N GLY A 86 -19.04 24.06 10.67
CA GLY A 86 -18.58 22.69 10.64
C GLY A 86 -19.52 21.65 10.08
N GLU A 87 -20.34 22.00 9.09
CA GLU A 87 -20.95 20.97 8.27
C GLU A 87 -19.86 20.29 7.44
N LEU A 88 -20.07 19.02 7.13
CA LEU A 88 -19.12 18.32 6.28
C LEU A 88 -19.10 18.92 4.89
N HIS A 89 -17.91 19.02 4.31
CA HIS A 89 -17.79 19.29 2.90
C HIS A 89 -18.51 18.18 2.12
N PRO A 90 -19.10 18.51 0.97
CA PRO A 90 -19.76 17.45 0.18
C PRO A 90 -18.87 16.25 -0.11
N VAL A 91 -17.58 16.47 -0.33
CA VAL A 91 -16.66 15.36 -0.54
C VAL A 91 -16.57 14.51 0.73
N GLN A 92 -16.48 15.15 1.90
CA GLN A 92 -16.37 14.40 3.14
C GLN A 92 -17.62 13.55 3.39
N ARG A 93 -18.81 14.11 3.10
CA ARG A 93 -20.04 13.39 3.38
C ARG A 93 -20.27 12.27 2.37
N CYS A 94 -19.98 12.51 1.09
CA CYS A 94 -20.10 11.44 0.11
C CYS A 94 -19.12 10.31 0.40
N PHE A 95 -17.96 10.62 1.00
CA PHE A 95 -17.01 9.58 1.32
C PHE A 95 -17.56 8.64 2.38
N VAL A 96 -18.28 9.20 3.36
CA VAL A 96 -18.87 8.35 4.39
C VAL A 96 -20.03 7.55 3.82
N GLU A 97 -20.92 8.22 3.09
CA GLU A 97 -22.11 7.54 2.59
CA GLU A 97 -22.12 7.57 2.55
C GLU A 97 -21.74 6.42 1.61
N ASN A 98 -20.75 6.63 0.77
CA ASN A 98 -20.35 5.63 -0.20
C ASN A 98 -19.26 4.68 0.33
N ASP A 99 -18.86 4.83 1.58
CA ASP A 99 -17.84 3.97 2.19
C ASP A 99 -16.56 3.97 1.36
N ALA A 100 -16.04 5.17 1.12
CA ALA A 100 -14.88 5.38 0.28
C ALA A 100 -13.57 5.22 1.06
N PHE A 101 -13.65 4.77 2.31
CA PHE A 101 -12.49 4.52 3.14
C PHE A 101 -12.73 3.28 3.98
N GLN A 102 -11.64 2.73 4.52
CA GLN A 102 -11.78 1.64 5.48
C GLN A 102 -10.98 1.97 6.74
N CYS A 103 -9.65 1.90 6.63
CA CYS A 103 -8.84 2.25 7.79
C CYS A 103 -8.77 3.75 8.03
N GLY A 104 -9.01 4.56 7.00
CA GLY A 104 -9.05 6.00 7.15
C GLY A 104 -7.73 6.71 7.00
N TYR A 105 -6.63 5.99 6.81
CA TYR A 105 -5.33 6.66 6.86
C TYR A 105 -5.01 7.40 5.57
N CYS A 106 -5.42 6.87 4.43
CA CYS A 106 -5.22 7.57 3.18
C CYS A 106 -6.34 8.55 2.89
N THR A 107 -7.39 8.55 3.70
CA THR A 107 -8.64 9.25 3.44
C THR A 107 -8.48 10.77 3.46
N PRO A 108 -7.77 11.37 4.43
CA PRO A 108 -7.59 12.82 4.37
C PRO A 108 -6.92 13.26 3.09
N GLY A 109 -5.84 12.59 2.69
CA GLY A 109 -5.21 12.93 1.43
C GLY A 109 -6.10 12.60 0.25
N GLN A 110 -6.82 11.48 0.34
CA GLN A 110 -7.79 11.15 -0.68
C GLN A 110 -8.83 12.26 -0.83
N ILE A 111 -9.33 12.79 0.29
CA ILE A 111 -10.40 13.76 0.24
C ILE A 111 -9.89 15.11 -0.27
N MET A 112 -8.75 15.57 0.25
CA MET A 112 -8.20 16.84 -0.22
C MET A 112 -7.85 16.76 -1.70
N SER A 113 -7.35 15.61 -2.15
CA SER A 113 -7.00 15.46 -3.55
C SER A 113 -8.25 15.43 -4.42
N ALA A 114 -9.38 14.97 -3.88
CA ALA A 114 -10.61 14.92 -4.65
C ALA A 114 -11.26 16.29 -4.75
N VAL A 115 -11.17 17.09 -3.70
CA VAL A 115 -11.65 18.46 -3.77
C VAL A 115 -10.95 19.22 -4.88
N ALA A 116 -9.62 19.15 -4.91
CA ALA A 116 -8.87 19.81 -5.97
C ALA A 116 -9.12 19.15 -7.31
N CYS A 117 -9.27 17.83 -7.32
CA CYS A 117 -9.56 17.13 -8.57
C CYS A 117 -10.83 17.67 -9.22
N ILE A 118 -11.85 17.95 -8.40
CA ILE A 118 -13.10 18.51 -8.90
C ILE A 118 -12.89 19.93 -9.41
N LYS A 119 -12.23 20.77 -8.61
CA LYS A 119 -11.98 22.14 -9.06
C LYS A 119 -11.19 22.17 -10.36
N GLU A 120 -10.25 21.23 -10.53
CA GLU A 120 -9.44 21.18 -11.74
C GLU A 120 -10.23 20.75 -12.97
N GLY A 121 -11.46 20.27 -12.81
CA GLY A 121 -12.23 19.81 -13.94
C GLY A 121 -11.89 18.40 -14.40
N HIS A 122 -11.31 17.58 -13.53
CA HIS A 122 -10.94 16.21 -13.87
C HIS A 122 -11.99 15.19 -13.45
N ALA A 123 -13.16 15.63 -13.01
CA ALA A 123 -14.27 14.77 -12.58
C ALA A 123 -15.21 14.36 -13.72
N GLY A 124 -14.84 14.66 -14.98
CA GLY A 124 -15.77 14.51 -16.09
C GLY A 124 -16.30 13.10 -16.31
N SER A 125 -15.53 12.07 -15.95
CA SER A 125 -15.96 10.70 -16.17
C SER A 125 -15.28 9.78 -15.16
N ASP A 126 -15.83 8.57 -15.04
CA ASP A 126 -15.30 7.61 -14.07
C ASP A 126 -13.82 7.34 -14.32
N ASP A 127 -13.45 7.05 -15.56
CA ASP A 127 -12.05 6.78 -15.85
C ASP A 127 -11.18 8.01 -15.62
N GLU A 128 -11.69 9.20 -15.95
CA GLU A 128 -10.90 10.39 -15.70
C GLU A 128 -10.64 10.57 -14.21
N ILE A 129 -11.63 10.26 -13.37
CA ILE A 129 -11.43 10.35 -11.94
C ILE A 129 -10.37 9.34 -11.50
N ARG A 130 -10.44 8.12 -12.02
CA ARG A 130 -9.47 7.10 -11.66
C ARG A 130 -8.05 7.57 -11.97
N GLU A 131 -7.86 8.13 -13.17
CA GLU A 131 -6.53 8.54 -13.57
C GLU A 131 -6.02 9.67 -12.69
N TYR A 132 -6.83 10.72 -12.52
CA TYR A 132 -6.37 11.91 -11.81
C TYR A 132 -6.54 11.79 -10.30
N MET A 133 -7.08 10.69 -9.79
CA MET A 133 -6.96 10.32 -8.40
C MET A 133 -5.87 9.29 -8.12
N SER A 134 -5.17 8.83 -9.17
CA SER A 134 -4.21 7.75 -8.98
C SER A 134 -3.00 8.17 -8.14
N GLY A 135 -2.83 9.46 -7.88
CA GLY A 135 -1.74 9.90 -7.03
C GLY A 135 -1.99 9.71 -5.55
N ASN A 136 -3.03 8.98 -5.17
CA ASN A 136 -3.30 8.66 -3.78
C ASN A 136 -3.45 7.15 -3.65
N LEU A 137 -2.52 6.52 -2.94
CA LEU A 137 -2.59 5.09 -2.76
C LEU A 137 -3.59 4.76 -1.66
N CYS A 138 -4.40 3.72 -1.90
CA CYS A 138 -5.24 3.14 -0.87
C CYS A 138 -4.96 1.65 -0.82
N ARG A 139 -4.37 1.20 0.28
CA ARG A 139 -4.07 -0.22 0.40
C ARG A 139 -5.27 -1.02 0.84
N CYS A 140 -6.25 -0.35 1.44
CA CYS A 140 -7.49 -1.01 1.81
C CYS A 140 -8.31 -1.42 0.60
N GLY A 141 -8.05 -0.83 -0.56
CA GLY A 141 -8.79 -1.15 -1.76
C GLY A 141 -10.15 -0.48 -1.88
N ALA A 142 -10.26 0.78 -1.48
CA ALA A 142 -11.52 1.49 -1.52
C ALA A 142 -11.77 2.21 -2.83
N TYR A 143 -10.88 2.07 -3.81
CA TYR A 143 -10.99 2.78 -5.08
C TYR A 143 -12.39 2.78 -5.67
N PRO A 144 -13.09 1.65 -5.84
CA PRO A 144 -14.42 1.72 -6.47
C PRO A 144 -15.38 2.65 -5.75
N HIS A 145 -15.30 2.70 -4.43
CA HIS A 145 -16.17 3.60 -3.67
C HIS A 145 -15.66 5.03 -3.71
N ILE A 146 -14.36 5.23 -3.88
CA ILE A 146 -13.83 6.57 -4.04
C ILE A 146 -14.37 7.19 -5.33
N ILE A 147 -14.47 6.39 -6.39
CA ILE A 147 -15.08 6.87 -7.63
C ILE A 147 -16.54 7.24 -7.40
N ASP A 148 -17.27 6.40 -6.66
CA ASP A 148 -18.67 6.71 -6.36
C ASP A 148 -18.78 8.01 -5.58
N ALA A 149 -17.97 8.15 -4.53
CA ALA A 149 -18.07 9.34 -3.69
C ALA A 149 -17.74 10.59 -4.47
N ILE A 150 -16.77 10.52 -5.37
CA ILE A 150 -16.37 11.71 -6.10
C ILE A 150 -17.38 12.04 -7.20
N LYS A 151 -17.92 11.01 -7.86
CA LYS A 151 -18.95 11.25 -8.85
C LYS A 151 -20.16 11.93 -8.21
N GLN A 152 -20.58 11.44 -7.05
CA GLN A 152 -21.74 12.01 -6.40
C GLN A 152 -21.46 13.42 -5.89
N ALA A 153 -20.27 13.64 -5.30
CA ALA A 153 -19.97 14.96 -4.76
C ALA A 153 -19.80 15.99 -5.86
N ALA A 154 -19.26 15.60 -7.01
CA ALA A 154 -19.15 16.56 -8.11
C ALA A 154 -20.52 16.96 -8.62
N ALA A 155 -21.48 16.03 -8.59
CA ALA A 155 -22.84 16.36 -9.00
C ALA A 155 -23.47 17.36 -8.03
N GLU A 156 -23.39 17.08 -6.73
CA GLU A 156 -23.97 17.99 -5.75
C GLU A 156 -23.35 19.37 -5.84
N MET A 157 -22.04 19.45 -6.06
CA MET A 157 -21.38 20.74 -6.06
C MET A 157 -21.74 21.57 -7.29
N ALA A 158 -22.08 20.92 -8.40
CA ALA A 158 -22.42 21.66 -9.61
C ALA A 158 -23.70 22.47 -9.46
N LYS A 159 -24.45 22.28 -8.39
CA LYS A 159 -25.68 23.03 -8.17
C LYS A 159 -25.42 24.20 -7.22
N MET B 1 17.75 15.11 7.14
CA MET B 1 18.55 15.84 6.17
C MET B 1 19.74 16.51 6.83
N ASN B 2 20.66 17.00 6.01
CA ASN B 2 21.76 17.80 6.52
C ASN B 2 21.24 19.15 7.01
N PRO B 3 21.83 19.69 8.06
CA PRO B 3 21.37 20.99 8.56
C PRO B 3 21.73 22.13 7.62
N PHE B 4 21.03 22.23 6.51
CA PHE B 4 21.33 23.28 5.54
C PHE B 4 20.93 24.65 6.08
N HIS B 5 21.52 25.69 5.50
CA HIS B 5 21.13 27.06 5.76
C HIS B 5 20.20 27.51 4.65
N TRP B 6 19.08 28.10 5.02
CA TRP B 6 18.02 28.44 4.06
C TRP B 6 18.18 29.88 3.58
N LYS B 7 18.29 30.06 2.27
CA LYS B 7 18.47 31.36 1.67
C LYS B 7 17.49 31.53 0.52
N VAL B 8 16.86 32.70 0.45
CA VAL B 8 15.86 33.00 -0.57
C VAL B 8 16.44 34.01 -1.55
N ALA B 9 16.40 33.68 -2.84
CA ALA B 9 16.93 34.55 -3.88
C ALA B 9 15.84 35.44 -4.42
N GLN B 10 16.16 36.71 -4.64
CA GLN B 10 15.20 37.67 -5.17
C GLN B 10 15.35 37.94 -6.66
N SER B 11 16.35 37.36 -7.30
CA SER B 11 16.49 37.52 -8.75
C SER B 11 17.18 36.29 -9.31
N ALA B 12 17.00 36.07 -10.61
CA ALA B 12 17.70 34.98 -11.27
C ALA B 12 19.22 35.12 -11.09
N SER B 13 19.74 36.35 -11.19
CA SER B 13 21.19 36.54 -11.13
C SER B 13 21.72 36.29 -9.73
N GLU B 14 20.94 36.63 -8.70
CA GLU B 14 21.38 36.34 -7.35
C GLU B 14 21.27 34.85 -7.06
N ALA B 15 20.35 34.15 -7.73
CA ALA B 15 20.29 32.70 -7.58
C ALA B 15 21.50 32.04 -8.21
N ALA B 16 21.92 32.52 -9.38
CA ALA B 16 23.12 32.01 -10.01
C ALA B 16 24.36 32.33 -9.19
N ALA B 17 24.39 33.52 -8.58
CA ALA B 17 25.55 33.89 -7.78
C ALA B 17 25.64 33.05 -6.52
N LEU B 18 24.51 32.72 -5.91
CA LEU B 18 24.52 31.89 -4.71
C LEU B 18 24.73 30.41 -5.06
N LYS B 19 24.17 29.98 -6.19
CA LYS B 19 24.32 28.58 -6.60
C LYS B 19 25.79 28.21 -6.75
N GLN B 20 26.58 29.15 -7.25
CA GLN B 20 27.97 28.88 -7.60
C GLN B 20 28.82 28.53 -6.38
N GLN B 21 28.34 28.75 -5.16
CA GLN B 21 29.19 28.62 -3.98
C GLN B 21 29.13 27.19 -3.47
N SER B 22 30.20 26.44 -3.73
CA SER B 22 30.60 25.25 -2.96
C SER B 22 29.46 24.38 -2.48
N GLY B 23 28.76 23.71 -3.39
CA GLY B 23 27.79 22.72 -2.99
C GLY B 23 26.40 23.24 -2.71
N SER B 24 26.14 24.53 -2.92
CA SER B 24 24.79 25.04 -2.81
C SER B 24 23.93 24.47 -3.93
N GLN B 25 22.64 24.36 -3.67
CA GLN B 25 21.72 23.81 -4.66
C GLN B 25 20.42 24.61 -4.68
N ILE B 26 19.88 24.77 -5.89
CA ILE B 26 18.60 25.45 -6.07
C ILE B 26 17.48 24.55 -5.54
N LEU B 27 16.47 25.17 -4.93
CA LEU B 27 15.22 24.50 -4.58
C LEU B 27 14.09 25.19 -5.33
N ALA B 28 13.40 24.45 -6.18
CA ALA B 28 12.20 25.01 -6.79
C ALA B 28 10.96 24.26 -6.32
N GLY B 29 10.66 23.12 -6.94
CA GLY B 29 9.47 22.37 -6.53
C GLY B 29 9.72 21.46 -5.35
N GLY B 30 10.93 20.94 -5.22
CA GLY B 30 11.29 20.08 -4.13
C GLY B 30 11.05 18.61 -4.37
N THR B 31 10.28 18.26 -5.41
CA THR B 31 9.86 16.87 -5.59
C THR B 31 11.02 15.97 -5.98
N THR B 32 12.10 16.53 -6.51
CA THR B 32 13.38 15.83 -6.66
C THR B 32 14.36 16.24 -5.57
N GLN B 33 14.67 17.54 -5.50
CA GLN B 33 15.67 18.08 -4.57
C GLN B 33 15.46 17.60 -3.15
N LEU B 34 14.27 17.81 -2.59
CA LEU B 34 14.06 17.44 -1.20
C LEU B 34 14.05 15.92 -1.01
N ASP B 35 13.57 15.18 -2.00
CA ASP B 35 13.56 13.72 -1.89
C ASP B 35 14.97 13.18 -1.83
N LEU B 36 15.84 13.64 -2.73
CA LEU B 36 17.21 13.17 -2.71
C LEU B 36 17.97 13.66 -1.50
N MET B 37 17.54 14.74 -0.87
CA MET B 37 18.16 15.13 0.39
C MET B 37 17.85 14.12 1.48
N LYS B 38 16.62 13.60 1.51
CA LYS B 38 16.29 12.57 2.47
C LYS B 38 16.97 11.25 2.14
N CYS B 39 17.16 10.98 0.85
CA CYS B 39 17.91 9.79 0.45
C CYS B 39 19.36 9.85 0.91
N GLY B 40 19.88 11.04 1.15
CA GLY B 40 21.26 11.20 1.52
C GLY B 40 22.21 11.48 0.37
N VAL B 41 21.74 11.54 -0.87
CA VAL B 41 22.63 11.82 -1.99
C VAL B 41 22.87 13.32 -2.18
N PHE B 42 22.02 14.17 -1.59
CA PHE B 42 22.18 15.61 -1.62
C PHE B 42 22.37 16.12 -0.20
N ASN B 43 23.45 16.87 0.04
CA ASN B 43 23.67 17.52 1.32
C ASN B 43 24.17 18.95 1.12
N PRO B 44 23.35 19.80 0.50
CA PRO B 44 23.79 21.18 0.27
C PRO B 44 23.88 21.94 1.58
N PRO B 45 24.98 22.64 1.82
CA PRO B 45 25.06 23.47 3.03
C PRO B 45 24.18 24.70 2.94
N GLN B 46 23.79 25.08 1.74
CA GLN B 46 22.96 26.26 1.50
C GLN B 46 21.92 25.89 0.45
N LEU B 47 20.65 26.04 0.79
CA LEU B 47 19.55 25.73 -0.11
C LEU B 47 18.86 27.02 -0.54
N ILE B 48 18.75 27.22 -1.84
CA ILE B 48 18.30 28.49 -2.41
C ILE B 48 16.91 28.31 -2.99
N GLY B 49 15.89 28.83 -2.29
CA GLY B 49 14.54 28.84 -2.84
C GLY B 49 14.41 29.89 -3.93
N ILE B 50 14.03 29.48 -5.15
CA ILE B 50 13.83 30.42 -6.24
C ILE B 50 12.36 30.71 -6.55
N ASN B 51 11.42 30.05 -5.88
CA ASN B 51 10.03 30.41 -6.10
C ASN B 51 9.76 31.74 -5.43
N GLY B 52 8.97 32.57 -6.08
CA GLY B 52 9.02 33.98 -5.77
C GLY B 52 10.01 34.74 -6.61
N LEU B 53 10.51 34.14 -7.68
CA LEU B 53 11.16 34.87 -8.76
C LEU B 53 10.12 34.99 -9.86
N SER B 54 9.54 36.19 -10.00
CA SER B 54 8.40 36.36 -10.89
C SER B 54 8.81 36.43 -12.36
N GLU B 55 10.07 36.76 -12.64
CA GLU B 55 10.52 36.89 -14.02
C GLU B 55 10.47 35.58 -14.80
N LEU B 56 10.57 34.44 -14.10
CA LEU B 56 10.65 33.14 -14.75
C LEU B 56 9.30 32.49 -14.97
N ARG B 57 8.20 33.20 -14.72
CA ARG B 57 6.86 32.63 -14.76
C ARG B 57 6.10 32.89 -16.05
N SER B 58 6.73 33.48 -17.06
CA SER B 58 6.01 33.80 -18.29
C SER B 58 5.78 32.54 -19.12
N LEU B 59 4.61 32.46 -19.76
CA LEU B 59 4.29 31.36 -20.65
C LEU B 59 3.40 31.85 -21.79
N SER B 60 3.73 31.47 -23.03
CA SER B 60 2.85 31.77 -24.15
C SER B 60 3.11 30.76 -25.28
N PHE B 61 2.05 30.46 -26.03
CA PHE B 61 2.16 29.66 -27.24
C PHE B 61 1.96 30.57 -28.45
N ASP B 62 2.77 30.35 -29.49
CA ASP B 62 2.73 31.20 -30.67
C ASP B 62 2.55 30.39 -31.95
N ASN B 63 2.65 31.07 -33.09
CA ASN B 63 2.76 30.39 -34.37
C ASN B 63 4.19 29.93 -34.66
N ASP B 64 5.16 30.36 -33.86
CA ASP B 64 6.57 30.04 -34.07
C ASP B 64 7.20 29.41 -32.84
N LYS B 65 7.16 30.07 -31.68
CA LYS B 65 7.85 29.59 -30.49
C LYS B 65 6.86 29.41 -29.34
N ILE B 66 6.73 28.16 -28.88
CA ILE B 66 6.23 27.93 -27.53
C ILE B 66 7.31 28.34 -26.55
N SER B 67 6.97 29.22 -25.61
CA SER B 67 7.96 29.78 -24.71
C SER B 67 7.44 29.75 -23.28
N ALA B 68 8.25 29.24 -22.37
CA ALA B 68 7.90 29.16 -20.95
C ALA B 68 9.14 29.39 -20.11
N GLY B 69 8.96 30.05 -18.97
CA GLY B 69 10.05 30.23 -18.05
C GLY B 69 10.27 29.00 -17.19
N ALA B 70 11.39 29.02 -16.45
CA ALA B 70 11.80 27.83 -15.74
C ALA B 70 10.89 27.51 -14.57
N LEU B 71 10.23 28.51 -14.01
CA LEU B 71 9.36 28.31 -12.85
C LEU B 71 7.93 27.92 -13.22
N ILE B 72 7.63 27.81 -14.52
CA ILE B 72 6.32 27.30 -14.92
C ILE B 72 6.17 25.88 -14.41
N THR B 73 5.05 25.60 -13.75
CA THR B 73 4.79 24.26 -13.27
C THR B 73 4.39 23.34 -14.42
N MET B 74 4.53 22.03 -14.17
CA MET B 74 4.10 21.06 -15.18
C MET B 74 2.61 21.22 -15.48
N SER B 75 1.81 21.46 -14.45
CA SER B 75 0.37 21.59 -14.65
C SER B 75 0.03 22.82 -15.47
N GLN B 76 0.66 23.97 -15.18
CA GLN B 76 0.38 25.18 -15.94
C GLN B 76 0.66 24.98 -17.42
N LEU B 77 1.77 24.33 -17.77
CA LEU B 77 2.09 24.09 -19.17
C LEU B 77 1.07 23.15 -19.80
N ALA B 78 0.75 22.06 -19.10
CA ALA B 78 -0.17 21.08 -19.67
C ALA B 78 -1.60 21.62 -19.74
N ASP B 79 -1.98 22.48 -18.81
CA ASP B 79 -3.35 22.98 -18.75
C ASP B 79 -3.57 24.21 -19.64
N HIS B 80 -2.53 24.81 -20.15
CA HIS B 80 -2.69 25.91 -21.08
C HIS B 80 -3.57 25.46 -22.24
N PRO B 81 -4.52 26.28 -22.68
CA PRO B 81 -5.53 25.81 -23.65
C PRO B 81 -4.96 25.35 -24.97
N ASP B 82 -3.77 25.79 -25.34
CA ASP B 82 -3.18 25.41 -26.63
C ASP B 82 -2.26 24.20 -26.55
N CYS B 83 -1.93 23.73 -25.36
CA CYS B 83 -0.88 22.72 -25.23
C CYS B 83 -1.30 21.41 -25.91
N GLN B 84 -2.51 20.93 -25.63
CA GLN B 84 -2.94 19.65 -26.18
C GLN B 84 -3.10 19.72 -27.68
N GLN B 85 -3.58 20.86 -28.21
CA GLN B 85 -3.79 20.97 -29.65
C GLN B 85 -2.49 21.26 -30.39
N HIS B 86 -1.67 22.17 -29.87
CA HIS B 86 -0.45 22.54 -30.57
C HIS B 86 0.69 21.55 -30.36
N ALA B 87 0.77 20.91 -29.20
CA ALA B 87 1.89 20.03 -28.86
C ALA B 87 1.38 18.83 -28.08
N PRO B 88 0.74 17.88 -28.76
CA PRO B 88 0.23 16.70 -28.04
C PRO B 88 1.32 15.89 -27.36
N ALA B 89 2.47 15.72 -28.00
CA ALA B 89 3.54 14.95 -27.37
C ALA B 89 4.03 15.63 -26.11
N ILE B 90 4.14 16.96 -26.13
CA ILE B 90 4.51 17.68 -24.92
C ILE B 90 3.43 17.53 -23.86
N TYR B 91 2.16 17.64 -24.26
CA TYR B 91 1.06 17.48 -23.32
C TYR B 91 1.03 16.06 -22.76
N GLY B 92 1.23 15.07 -23.62
CA GLY B 92 1.24 13.68 -23.15
C GLY B 92 2.43 13.36 -22.27
N SER B 93 3.58 13.98 -22.53
CA SER B 93 4.73 13.79 -21.66
C SER B 93 4.53 14.41 -20.28
N LEU B 94 3.46 15.18 -20.10
CA LEU B 94 3.20 15.87 -18.84
C LEU B 94 2.22 15.10 -17.97
N TRP B 95 0.98 14.94 -18.44
CA TRP B 95 -0.03 14.31 -17.60
C TRP B 95 0.24 12.83 -17.37
N GLN B 96 1.12 12.22 -18.15
CA GLN B 96 1.49 10.82 -17.92
C GLN B 96 2.65 10.69 -16.95
N ALA B 97 3.07 11.79 -16.34
CA ALA B 97 4.20 11.79 -15.42
C ALA B 97 3.71 11.99 -13.99
N ALA B 98 4.22 11.17 -13.08
CA ALA B 98 4.08 11.39 -11.64
C ALA B 98 2.60 11.39 -11.28
N SER B 99 2.16 12.32 -10.44
CA SER B 99 0.78 12.44 -9.97
C SER B 99 0.37 13.89 -10.11
N PRO B 100 -0.94 14.17 -10.13
CA PRO B 100 -1.39 15.58 -10.19
C PRO B 100 -0.78 16.44 -9.11
N GLN B 101 -0.64 15.91 -7.88
CA GLN B 101 -0.02 16.68 -6.82
C GLN B 101 1.41 17.06 -7.20
N ILE B 102 2.18 16.09 -7.73
CA ILE B 102 3.56 16.39 -8.08
C ILE B 102 3.62 17.36 -9.24
N ARG B 103 2.74 17.18 -10.24
CA ARG B 103 2.76 18.07 -11.40
C ARG B 103 2.42 19.50 -11.01
N ASN B 104 1.58 19.71 -9.99
CA ASN B 104 1.31 21.06 -9.53
C ASN B 104 2.54 21.68 -8.88
N MET B 105 3.39 20.86 -8.26
CA MET B 105 4.59 21.37 -7.61
C MET B 105 5.74 21.56 -8.59
N ALA B 106 5.81 20.74 -9.63
CA ALA B 106 7.03 20.56 -10.40
C ALA B 106 7.22 21.68 -11.41
N THR B 107 8.30 22.44 -11.27
CA THR B 107 8.64 23.44 -12.26
C THR B 107 9.35 22.82 -13.46
N LEU B 108 9.24 23.51 -14.60
CA LEU B 108 9.88 23.01 -15.81
C LEU B 108 11.39 22.95 -15.68
N GLY B 109 11.98 23.90 -14.97
CA GLY B 109 13.43 23.91 -14.80
C GLY B 109 13.92 22.71 -14.01
N GLY B 110 13.27 22.42 -12.89
CA GLY B 110 13.62 21.24 -12.10
C GLY B 110 13.26 19.94 -12.79
N ASN B 111 12.27 19.95 -13.67
CA ASN B 111 11.88 18.73 -14.36
C ASN B 111 13.01 18.22 -15.25
N LEU B 112 13.67 19.13 -15.98
CA LEU B 112 14.78 18.72 -16.84
C LEU B 112 15.92 18.14 -16.03
N ARG B 113 16.17 18.69 -14.85
CA ARG B 113 17.31 18.33 -14.02
C ARG B 113 17.00 17.21 -13.03
N GLN B 114 15.86 16.55 -13.17
CA GLN B 114 15.57 15.42 -12.30
C GLN B 114 16.60 14.31 -12.52
N ARG B 115 16.71 13.43 -11.53
CA ARG B 115 17.81 12.48 -11.45
C ARG B 115 17.31 11.05 -11.64
N THR B 116 18.26 10.18 -11.97
CA THR B 116 17.93 8.78 -12.24
C THR B 116 17.23 8.15 -11.05
N ARG B 117 16.38 7.18 -11.34
CA ARG B 117 15.67 6.42 -10.33
C ARG B 117 16.46 5.19 -9.90
N CYS B 118 17.70 5.06 -10.35
CA CYS B 118 18.52 3.91 -10.04
C CYS B 118 18.55 3.64 -8.55
N ALA B 119 18.17 2.41 -8.17
CA ALA B 119 17.94 2.12 -6.76
C ALA B 119 19.23 2.18 -5.97
N TYR B 120 20.36 1.87 -6.59
CA TYR B 120 21.62 1.93 -5.87
C TYR B 120 22.09 3.37 -5.71
N TYR B 121 21.80 4.22 -6.71
CA TYR B 121 22.11 5.64 -6.59
C TYR B 121 21.36 6.28 -5.43
N ARG B 122 20.12 5.86 -5.19
CA ARG B 122 19.25 6.56 -4.24
C ARG B 122 19.41 6.07 -2.82
N ASP B 123 20.28 5.11 -2.57
CA ASP B 123 20.49 4.57 -1.22
C ASP B 123 21.99 4.58 -0.91
N PRO B 124 22.58 5.77 -0.74
CA PRO B 124 24.03 5.82 -0.48
C PRO B 124 24.44 5.25 0.85
N ALA B 125 23.54 5.26 1.85
CA ALA B 125 23.88 4.66 3.14
C ALA B 125 24.10 3.16 3.01
N THR B 126 23.49 2.51 2.03
CA THR B 126 23.69 1.09 1.81
C THR B 126 24.82 0.84 0.82
N PHE B 127 24.69 1.36 -0.39
CA PHE B 127 25.66 1.12 -1.45
C PHE B 127 26.57 2.35 -1.60
N SER B 128 27.87 2.13 -1.42
CA SER B 128 28.83 3.22 -1.52
C SER B 128 29.49 3.30 -2.88
N ALA B 129 29.21 2.39 -3.80
CA ALA B 129 29.82 2.44 -5.12
C ALA B 129 28.80 3.04 -6.08
N CYS B 130 28.92 4.35 -6.31
CA CYS B 130 28.14 5.04 -7.33
C CYS B 130 29.02 6.12 -7.91
N ASN B 131 29.35 6.02 -9.20
CA ASN B 131 30.24 7.03 -9.78
C ASN B 131 29.52 8.35 -9.98
N LYS B 132 28.21 8.30 -10.25
CA LYS B 132 27.43 9.52 -10.41
C LYS B 132 27.43 10.32 -9.10
N ARG B 133 27.19 9.65 -7.99
CA ARG B 133 27.18 10.26 -6.67
C ARG B 133 28.59 10.58 -6.18
N ASN B 134 29.51 9.67 -6.42
CA ASN B 134 30.72 9.54 -5.63
C ASN B 134 31.85 9.14 -6.57
N PRO B 135 32.42 10.10 -7.28
CA PRO B 135 33.31 9.77 -8.41
C PRO B 135 34.45 8.85 -8.02
N GLY B 136 34.68 7.83 -8.84
CA GLY B 136 35.76 6.90 -8.62
C GLY B 136 35.44 5.74 -7.70
N SER B 137 34.21 5.63 -7.21
CA SER B 137 33.87 4.58 -6.25
C SER B 137 33.32 3.32 -6.90
N GLY B 138 33.09 3.32 -8.20
CA GLY B 138 32.52 2.18 -8.90
C GLY B 138 31.05 2.40 -9.22
N CYS B 139 30.43 1.36 -9.78
CA CYS B 139 29.01 1.38 -10.12
C CYS B 139 28.36 0.11 -9.59
N ALA B 140 27.46 0.25 -8.62
CA ALA B 140 26.85 -0.91 -7.99
C ALA B 140 25.88 -1.63 -8.92
N ALA B 141 25.40 -0.96 -9.97
CA ALA B 141 24.40 -1.55 -10.83
C ALA B 141 24.96 -2.49 -11.88
N ARG B 142 26.26 -2.37 -12.21
CA ARG B 142 26.82 -3.21 -13.28
C ARG B 142 26.59 -4.69 -12.99
N GLN B 143 26.96 -5.14 -11.79
CA GLN B 143 26.78 -6.54 -11.39
C GLN B 143 25.54 -6.76 -10.53
N GLY B 144 24.71 -5.75 -10.33
CA GLY B 144 23.47 -5.88 -9.58
C GLY B 144 22.27 -6.14 -10.47
N VAL B 145 21.11 -5.73 -9.99
CA VAL B 145 19.88 -5.93 -10.74
C VAL B 145 19.64 -4.67 -11.57
N ASN B 146 19.90 -4.77 -12.88
CA ASN B 146 19.89 -3.64 -13.79
C ASN B 146 18.59 -3.49 -14.57
N SER B 147 17.51 -4.15 -14.11
CA SER B 147 16.23 -4.11 -14.82
C SER B 147 15.81 -2.71 -15.24
N ASN B 148 16.20 -1.70 -14.48
CA ASN B 148 15.84 -0.31 -14.74
C ASN B 148 16.90 0.46 -15.51
N HIS B 149 17.92 -0.21 -16.04
CA HIS B 149 19.09 0.52 -16.50
C HIS B 149 19.19 0.48 -18.03
N ALA B 150 20.21 1.15 -18.55
CA ALA B 150 20.20 1.67 -19.92
C ALA B 150 20.66 0.64 -20.94
N ILE B 151 19.95 0.61 -22.08
CA ILE B 151 20.40 -0.13 -23.25
C ILE B 151 21.03 0.76 -24.30
N LEU B 152 21.07 2.08 -24.08
CA LEU B 152 21.63 3.02 -25.02
C LEU B 152 22.39 4.09 -24.26
N GLY B 153 23.54 4.50 -24.80
CA GLY B 153 24.31 5.57 -24.19
C GLY B 153 25.01 5.21 -22.90
N ALA B 154 25.11 3.92 -22.60
CA ALA B 154 25.72 3.46 -21.36
C ALA B 154 27.23 3.42 -21.47
N SER B 155 27.90 3.67 -20.34
CA SER B 155 29.33 3.51 -20.23
C SER B 155 29.65 2.49 -19.13
N ASP B 156 30.93 2.20 -18.96
CA ASP B 156 31.34 1.31 -17.89
C ASP B 156 31.08 1.94 -16.54
N SER B 157 31.12 3.28 -16.46
CA SER B 157 31.01 3.98 -15.18
C SER B 157 29.57 4.11 -14.72
N CYS B 158 28.62 4.33 -15.64
CA CYS B 158 27.23 4.50 -15.25
C CYS B 158 26.29 3.90 -16.30
N ILE B 159 25.37 3.05 -15.85
CA ILE B 159 24.29 2.54 -16.71
C ILE B 159 22.94 3.20 -16.42
N ALA B 160 22.91 4.25 -15.59
CA ALA B 160 21.63 4.80 -15.14
C ALA B 160 20.81 5.37 -16.29
N VAL B 161 19.49 5.18 -16.22
CA VAL B 161 18.53 5.72 -17.17
C VAL B 161 18.05 7.09 -16.70
N TYR B 162 17.90 8.04 -17.64
CA TYR B 162 17.25 9.32 -17.32
C TYR B 162 15.73 9.13 -17.36
N PRO B 163 15.06 9.22 -16.22
CA PRO B 163 13.65 8.83 -16.14
C PRO B 163 12.65 9.81 -16.74
N GLY B 164 13.01 11.08 -16.96
CA GLY B 164 11.99 12.09 -17.20
C GLY B 164 11.29 11.94 -18.54
N ASP B 165 9.98 12.20 -18.53
CA ASP B 165 9.18 12.15 -19.76
C ASP B 165 9.25 13.45 -20.57
N LEU B 166 9.17 14.60 -19.90
CA LEU B 166 9.06 15.86 -20.62
C LEU B 166 10.26 16.10 -21.52
N ALA B 167 11.47 15.88 -20.99
CA ALA B 167 12.66 16.11 -21.79
C ALA B 167 12.66 15.27 -23.05
N VAL B 168 12.04 14.09 -23.00
CA VAL B 168 11.98 13.24 -24.18
C VAL B 168 11.18 13.91 -25.28
N ALA B 169 10.03 14.50 -24.93
CA ALA B 169 9.24 15.22 -25.92
C ALA B 169 10.00 16.44 -26.42
N LEU B 170 10.69 17.14 -25.53
CA LEU B 170 11.46 18.31 -25.96
C LEU B 170 12.61 17.92 -26.88
N VAL B 171 13.30 16.83 -26.57
CA VAL B 171 14.46 16.44 -27.38
C VAL B 171 14.03 16.03 -28.77
N ALA B 172 12.88 15.36 -28.88
CA ALA B 172 12.38 14.98 -30.20
C ALA B 172 12.11 16.22 -31.06
N PHE B 173 11.54 17.26 -30.46
CA PHE B 173 11.08 18.43 -31.18
C PHE B 173 12.04 19.62 -31.11
N ASP B 174 13.28 19.40 -30.66
CA ASP B 174 14.36 20.38 -30.79
C ASP B 174 14.13 21.63 -29.94
N ALA B 175 13.72 21.42 -28.70
CA ALA B 175 13.60 22.54 -27.78
C ALA B 175 14.98 23.12 -27.49
N VAL B 176 14.99 24.35 -27.00
CA VAL B 176 16.20 25.05 -26.62
C VAL B 176 16.10 25.42 -25.15
N VAL B 177 17.18 25.22 -24.39
CA VAL B 177 17.25 25.60 -22.99
C VAL B 177 18.02 26.91 -22.89
N ILE B 178 17.42 27.90 -22.25
CA ILE B 178 18.06 29.21 -22.06
C ILE B 178 18.47 29.30 -20.61
N VAL B 179 19.75 29.59 -20.36
CA VAL B 179 20.28 29.66 -19.01
C VAL B 179 20.98 31.00 -18.83
N GLN B 180 21.25 31.34 -17.57
CA GLN B 180 21.71 32.68 -17.21
C GLN B 180 22.72 32.61 -16.08
N ASN B 181 23.73 33.50 -16.11
CA ASN B 181 24.80 33.52 -15.12
C ASN B 181 24.61 34.69 -14.13
N PRO B 182 25.47 34.86 -13.11
CA PRO B 182 25.21 35.93 -12.13
C PRO B 182 25.30 37.34 -12.68
N GLN B 183 25.93 37.53 -13.84
CA GLN B 183 26.01 38.86 -14.43
C GLN B 183 24.89 39.12 -15.43
N GLY B 184 23.95 38.20 -15.57
CA GLY B 184 22.72 38.50 -16.29
C GLY B 184 22.70 38.12 -17.75
N GLU B 185 23.79 37.62 -18.33
CA GLU B 185 23.77 37.27 -19.74
C GLU B 185 23.22 35.87 -19.94
N THR B 186 23.06 35.48 -21.20
CA THR B 186 22.16 34.40 -21.57
C THR B 186 22.85 33.44 -22.54
N ARG B 187 22.73 32.15 -22.27
CA ARG B 187 23.19 31.10 -23.16
C ARG B 187 21.99 30.30 -23.65
N ARG B 188 21.98 29.98 -24.93
CA ARG B 188 20.93 29.17 -25.53
C ARG B 188 21.54 27.84 -25.96
N ILE B 189 21.02 26.75 -25.40
CA ILE B 189 21.59 25.42 -25.56
C ILE B 189 20.56 24.51 -26.20
N ALA B 190 20.86 23.99 -27.38
CA ALA B 190 20.02 22.95 -27.97
C ALA B 190 19.93 21.78 -27.00
N ILE B 191 18.72 21.24 -26.85
CA ILE B 191 18.46 20.41 -25.68
C ILE B 191 19.17 19.07 -25.78
N ASP B 192 19.39 18.57 -27.00
CA ASP B 192 20.11 17.31 -27.14
C ASP B 192 21.56 17.42 -26.71
N ASP B 193 22.13 18.63 -26.80
CA ASP B 193 23.45 18.89 -26.23
C ASP B 193 23.39 19.30 -24.77
N PHE B 194 22.21 19.60 -24.24
CA PHE B 194 22.13 19.99 -22.84
C PHE B 194 22.33 18.78 -21.92
N PHE B 195 21.80 17.63 -22.30
CA PHE B 195 21.97 16.40 -21.54
C PHE B 195 23.22 15.69 -22.02
N LEU B 196 24.13 15.40 -21.09
CA LEU B 196 25.42 14.82 -21.40
C LEU B 196 25.39 13.30 -21.25
N LEU B 197 26.13 12.62 -22.12
CA LEU B 197 26.38 11.20 -21.91
C LEU B 197 27.27 11.03 -20.69
N PRO B 198 27.03 10.00 -19.86
CA PRO B 198 27.84 9.85 -18.65
C PRO B 198 29.31 9.64 -18.93
N GLY B 199 29.65 8.73 -19.84
CA GLY B 199 31.05 8.42 -20.11
C GLY B 199 31.79 8.05 -18.84
N GLU B 200 32.98 8.64 -18.65
CA GLU B 200 33.74 8.48 -17.43
C GLU B 200 33.35 9.47 -16.35
N THR B 201 32.45 10.40 -16.67
CA THR B 201 32.05 11.46 -15.76
C THR B 201 30.53 11.48 -15.63
N PRO B 202 29.93 10.46 -15.01
CA PRO B 202 28.48 10.49 -14.79
C PRO B 202 28.02 11.56 -13.83
N ASP B 203 28.93 12.17 -13.06
CA ASP B 203 28.52 13.27 -12.20
C ASP B 203 28.24 14.55 -12.96
N GLN B 204 28.64 14.64 -14.23
CA GLN B 204 28.25 15.79 -15.06
C GLN B 204 27.13 15.31 -15.98
N GLU B 205 25.90 15.68 -15.62
CA GLU B 205 24.70 15.35 -16.38
C GLU B 205 24.34 16.37 -17.45
N HIS B 206 24.43 17.66 -17.13
CA HIS B 206 23.90 18.71 -17.97
C HIS B 206 24.99 19.68 -18.37
N ASP B 207 24.79 20.39 -19.48
CA ASP B 207 25.75 21.43 -19.82
C ASP B 207 25.21 22.66 -19.13
N LEU B 208 25.70 22.86 -17.92
CA LEU B 208 25.34 23.98 -17.07
C LEU B 208 26.52 24.25 -16.16
N ARG B 209 26.99 25.49 -16.11
CA ARG B 209 28.04 25.80 -15.17
C ARG B 209 27.43 25.94 -13.78
N ASP B 210 28.26 25.71 -12.75
CA ASP B 210 27.85 26.10 -11.41
C ASP B 210 27.45 27.57 -11.41
N ASP B 211 28.04 28.32 -12.33
CA ASP B 211 27.71 29.71 -12.59
C ASP B 211 26.23 29.93 -12.88
N GLU B 212 25.54 28.96 -13.49
CA GLU B 212 24.35 29.25 -14.28
C GLU B 212 23.08 28.63 -13.73
N ILE B 213 21.94 29.21 -14.14
CA ILE B 213 20.59 28.79 -13.77
C ILE B 213 19.75 28.71 -15.03
N ILE B 214 18.87 27.71 -15.10
CA ILE B 214 17.92 27.63 -16.21
C ILE B 214 16.84 28.66 -15.99
N VAL B 215 16.70 29.61 -16.92
CA VAL B 215 15.61 30.57 -16.84
C VAL B 215 14.41 30.30 -17.75
N ALA B 216 14.59 29.58 -18.85
CA ALA B 216 13.46 29.44 -19.76
C ALA B 216 13.73 28.32 -20.74
N ILE B 217 12.64 27.81 -21.34
CA ILE B 217 12.71 26.86 -22.45
C ILE B 217 11.84 27.40 -23.59
N GLU B 218 12.20 27.05 -24.82
CA GLU B 218 11.38 27.36 -25.98
C GLU B 218 11.40 26.18 -26.95
N VAL B 219 10.27 25.97 -27.63
CA VAL B 219 10.15 24.86 -28.57
C VAL B 219 9.77 25.42 -29.93
N PRO B 220 10.33 24.92 -31.03
CA PRO B 220 9.87 25.36 -32.35
C PRO B 220 8.44 24.90 -32.58
N GLN B 221 7.60 25.82 -33.03
CA GLN B 221 6.20 25.51 -33.29
C GLN B 221 6.10 25.03 -34.73
N THR B 222 5.82 23.75 -34.90
CA THR B 222 5.90 23.12 -36.21
C THR B 222 4.73 22.17 -36.37
N ALA B 223 4.39 21.89 -37.62
CA ALA B 223 3.32 20.93 -37.86
C ALA B 223 3.72 19.54 -37.41
N SER B 224 5.02 19.30 -37.19
CA SER B 224 5.45 18.02 -36.64
C SER B 224 5.13 17.96 -35.17
N LEU B 225 5.25 19.10 -34.49
CA LEU B 225 4.82 19.19 -33.11
C LEU B 225 3.30 19.14 -33.01
N GLN B 226 2.59 19.68 -34.00
CA GLN B 226 1.14 19.65 -33.93
C GLN B 226 0.61 18.22 -34.03
N ARG B 227 1.20 17.41 -34.91
CA ARG B 227 0.82 16.01 -34.99
C ARG B 227 1.91 15.22 -34.28
N SER B 228 1.59 14.76 -33.07
CA SER B 228 2.58 14.08 -32.26
C SER B 228 1.86 13.30 -31.18
N HIS B 229 2.58 12.37 -30.56
CA HIS B 229 2.06 11.61 -29.45
C HIS B 229 3.21 11.25 -28.53
N TYR B 230 2.90 11.09 -27.24
CA TYR B 230 3.84 10.51 -26.27
C TYR B 230 3.22 9.24 -25.72
N LEU B 231 3.82 8.10 -26.05
CA LEU B 231 3.37 6.80 -25.60
C LEU B 231 4.30 6.31 -24.49
N LYS B 232 3.72 5.91 -23.37
CA LYS B 232 4.48 5.52 -22.19
C LYS B 232 4.04 4.14 -21.75
N VAL B 233 4.98 3.20 -21.71
CA VAL B 233 4.72 1.84 -21.25
C VAL B 233 5.27 1.70 -19.84
N ARG B 234 4.47 1.13 -18.95
CA ARG B 234 4.89 1.01 -17.56
C ARG B 234 4.18 -0.18 -16.93
N ASP B 235 4.70 -0.59 -15.75
CA ASP B 235 4.22 -1.81 -15.11
C ASP B 235 2.78 -1.64 -14.62
N ARG B 236 2.51 -0.59 -13.86
CA ARG B 236 1.13 -0.25 -13.53
C ARG B 236 0.69 0.92 -14.38
N SER B 237 -0.59 1.29 -14.25
CA SER B 237 -1.19 2.15 -15.27
C SER B 237 -0.94 3.63 -15.03
N SER B 238 -0.58 4.03 -13.81
CA SER B 238 -0.31 5.44 -13.55
C SER B 238 0.63 5.54 -12.35
N TYR B 239 1.21 6.73 -12.18
CA TYR B 239 2.08 7.02 -11.03
C TYR B 239 3.33 6.16 -11.07
N GLU B 240 3.93 6.04 -12.25
CA GLU B 240 5.18 5.30 -12.38
C GLU B 240 5.95 5.82 -13.59
N PHE B 241 7.27 5.63 -13.55
CA PHE B 241 8.14 5.97 -14.64
C PHE B 241 8.04 4.94 -15.76
N ALA B 242 8.50 5.33 -16.94
CA ALA B 242 8.34 4.49 -18.10
C ALA B 242 9.31 3.32 -18.08
N ALA B 243 8.79 2.12 -18.41
CA ALA B 243 9.69 1.03 -18.79
C ALA B 243 10.27 1.28 -20.16
N ALA B 244 9.48 1.85 -21.06
CA ALA B 244 9.96 2.42 -22.32
C ALA B 244 8.96 3.47 -22.75
N SER B 245 9.44 4.49 -23.46
CA SER B 245 8.53 5.50 -23.96
C SER B 245 9.15 6.17 -25.19
N ALA B 246 8.29 6.69 -26.05
CA ALA B 246 8.74 7.39 -27.24
C ALA B 246 7.86 8.60 -27.48
N ALA B 247 8.48 9.75 -27.70
CA ALA B 247 7.79 10.90 -28.27
C ALA B 247 8.03 10.89 -29.78
N ALA B 248 6.96 11.03 -30.55
CA ALA B 248 7.07 10.95 -31.99
C ALA B 248 6.14 11.98 -32.62
N GLY B 249 6.57 12.53 -33.75
CA GLY B 249 5.74 13.45 -34.49
C GLY B 249 6.25 13.59 -35.91
N PHE B 250 5.37 14.05 -36.79
CA PHE B 250 5.76 14.40 -38.14
C PHE B 250 4.72 15.35 -38.71
N THR B 251 5.08 16.09 -39.77
CA THR B 251 4.11 16.81 -40.59
C THR B 251 3.80 15.97 -41.84
N LEU B 252 2.54 15.82 -42.13
CA LEU B 252 2.10 15.16 -43.33
C LEU B 252 1.92 16.23 -44.42
N GLU B 253 2.82 16.23 -45.40
CA GLU B 253 2.83 17.24 -46.45
C GLU B 253 2.86 16.52 -47.79
N ASN B 254 1.81 16.71 -48.59
CA ASN B 254 1.62 15.96 -49.82
C ASN B 254 1.53 14.45 -49.53
N GLY B 255 0.69 14.13 -48.54
CA GLY B 255 0.41 12.74 -48.20
C GLY B 255 1.63 11.94 -47.80
N VAL B 256 2.59 12.57 -47.13
CA VAL B 256 3.90 11.97 -46.89
C VAL B 256 4.44 12.47 -45.56
N MET B 257 5.11 11.58 -44.82
CA MET B 257 5.76 11.97 -43.58
C MET B 257 6.97 12.84 -43.89
N ARG B 258 7.02 14.03 -43.31
CA ARG B 258 8.16 14.92 -43.45
C ARG B 258 8.43 15.59 -42.11
N GLN B 259 9.69 15.89 -41.87
CA GLN B 259 10.16 16.29 -40.55
C GLN B 259 9.73 15.29 -39.50
N VAL B 260 10.07 14.02 -39.73
CA VAL B 260 9.80 12.98 -38.75
C VAL B 260 10.68 13.20 -37.53
N HIS B 261 10.06 13.24 -36.36
CA HIS B 261 10.78 13.40 -35.10
C HIS B 261 10.46 12.23 -34.18
N ILE B 262 11.49 11.55 -33.67
CA ILE B 262 11.34 10.41 -32.78
C ILE B 262 12.39 10.49 -31.68
N ALA B 263 11.98 10.34 -30.43
CA ALA B 263 12.92 10.26 -29.31
C ALA B 263 12.46 9.19 -28.32
N LEU B 264 13.42 8.53 -27.69
CA LEU B 264 13.18 7.39 -26.83
C LEU B 264 13.39 7.79 -25.36
N GLY B 265 12.36 7.62 -24.54
CA GLY B 265 12.49 7.77 -23.11
C GLY B 265 12.60 6.45 -22.38
N GLY B 266 13.18 6.51 -21.18
CA GLY B 266 13.20 5.39 -20.26
C GLY B 266 14.14 4.26 -20.61
N VAL B 267 14.72 4.23 -21.81
CA VAL B 267 15.65 3.17 -22.16
C VAL B 267 17.11 3.63 -22.21
N ALA B 268 17.41 4.91 -22.05
CA ALA B 268 18.74 5.40 -22.35
C ALA B 268 19.26 6.29 -21.22
N THR B 269 20.59 6.47 -21.21
CA THR B 269 21.21 7.32 -20.21
C THR B 269 20.78 8.77 -20.36
N LYS B 270 20.34 9.16 -21.55
CA LYS B 270 19.76 10.49 -21.75
C LYS B 270 18.69 10.35 -22.81
N PRO B 271 17.74 11.29 -22.87
CA PRO B 271 16.70 11.21 -23.91
C PRO B 271 17.35 11.05 -25.27
N TRP B 272 16.86 10.06 -26.02
CA TRP B 272 17.60 9.53 -27.16
C TRP B 272 16.81 9.77 -28.44
N ARG B 273 17.33 10.66 -29.29
CA ARG B 273 16.74 10.92 -30.60
C ARG B 273 17.15 9.80 -31.54
N ALA B 274 16.18 9.09 -32.12
CA ALA B 274 16.54 8.02 -33.05
C ALA B 274 16.58 8.63 -34.44
N THR B 275 17.78 8.92 -34.93
CA THR B 275 17.89 9.71 -36.15
C THR B 275 17.77 8.85 -37.39
N ARG B 276 18.15 7.58 -37.29
CA ARG B 276 18.07 6.71 -38.45
C ARG B 276 16.69 6.12 -38.66
N VAL B 277 15.92 5.91 -37.59
CA VAL B 277 14.52 5.58 -37.80
C VAL B 277 13.80 6.74 -38.45
N GLU B 278 14.15 7.97 -38.03
CA GLU B 278 13.61 9.16 -38.67
C GLU B 278 13.94 9.19 -40.14
N GLN B 279 15.24 9.14 -40.46
CA GLN B 279 15.66 9.23 -41.84
C GLN B 279 15.03 8.14 -42.70
N ALA B 280 14.82 6.96 -42.12
CA ALA B 280 14.24 5.86 -42.87
C ALA B 280 12.78 6.11 -43.20
N LEU B 281 12.09 6.91 -42.40
CA LEU B 281 10.70 7.23 -42.64
C LEU B 281 10.48 8.56 -43.33
N GLU B 282 11.52 9.35 -43.57
CA GLU B 282 11.31 10.66 -44.17
C GLU B 282 10.99 10.51 -45.66
N GLY B 283 10.14 11.39 -46.15
CA GLY B 283 9.65 11.24 -47.51
C GLY B 283 8.79 10.01 -47.71
N GLN B 284 8.17 9.51 -46.64
CA GLN B 284 7.41 8.28 -46.75
C GLN B 284 5.96 8.49 -46.29
N PRO B 285 5.00 7.88 -46.98
CA PRO B 285 3.62 7.96 -46.51
C PRO B 285 3.40 7.11 -45.27
N PHE B 286 2.56 7.62 -44.37
CA PHE B 286 2.25 6.94 -43.13
C PHE B 286 1.58 5.60 -43.40
N ASN B 287 2.17 4.52 -42.90
CA ASN B 287 1.61 3.20 -43.10
C ASN B 287 2.09 2.28 -42.00
N GLU B 288 1.27 1.28 -41.67
CA GLU B 288 1.49 0.41 -40.52
C GLU B 288 2.88 -0.21 -40.50
N GLU B 289 3.17 -1.06 -41.49
CA GLU B 289 4.32 -1.95 -41.37
C GLU B 289 5.63 -1.24 -41.67
N THR B 290 5.63 -0.27 -42.59
CA THR B 290 6.86 0.47 -42.84
C THR B 290 7.29 1.25 -41.61
N VAL B 291 6.33 1.69 -40.80
CA VAL B 291 6.68 2.32 -39.52
C VAL B 291 7.26 1.30 -38.56
N PHE B 292 6.68 0.10 -38.52
CA PHE B 292 7.17 -0.91 -37.58
C PHE B 292 8.55 -1.40 -37.97
N GLN B 293 8.79 -1.64 -39.26
CA GLN B 293 10.09 -2.18 -39.66
C GLN B 293 11.18 -1.12 -39.57
N ALA B 294 10.84 0.14 -39.89
CA ALA B 294 11.83 1.20 -39.74
C ALA B 294 12.22 1.39 -38.28
N ALA B 295 11.25 1.21 -37.37
CA ALA B 295 11.56 1.38 -35.95
C ALA B 295 12.59 0.37 -35.47
N GLU B 296 12.62 -0.82 -36.09
CA GLU B 296 13.55 -1.85 -35.66
C GLU B 296 15.00 -1.49 -35.90
N LEU B 297 15.27 -0.44 -36.68
CA LEU B 297 16.64 0.00 -36.88
C LEU B 297 17.31 0.41 -35.58
N ILE B 298 16.52 0.79 -34.57
CA ILE B 298 17.10 1.15 -33.28
C ILE B 298 17.82 -0.04 -32.66
N ASN B 299 17.51 -1.25 -33.12
CA ASN B 299 18.15 -2.43 -32.57
C ASN B 299 19.58 -2.64 -33.04
N GLN B 300 20.06 -1.82 -33.98
CA GLN B 300 21.47 -1.92 -34.39
C GLN B 300 22.41 -1.15 -33.47
N GLU B 301 21.94 -0.14 -32.74
CA GLU B 301 22.76 0.53 -31.74
C GLU B 301 22.49 0.06 -30.31
N THR B 302 21.52 -0.80 -30.12
CA THR B 302 21.07 -1.15 -28.79
C THR B 302 21.99 -2.21 -28.21
N GLN B 303 22.23 -2.14 -26.89
CA GLN B 303 23.01 -3.16 -26.19
C GLN B 303 22.31 -3.57 -24.90
N ALA B 304 21.89 -4.82 -24.82
CA ALA B 304 21.19 -5.30 -23.64
C ALA B 304 22.18 -5.65 -22.55
N LEU B 305 21.81 -5.34 -21.32
CA LEU B 305 22.54 -5.81 -20.16
C LEU B 305 21.84 -7.06 -19.60
N GLU B 306 22.31 -7.52 -18.44
CA GLU B 306 21.82 -8.77 -17.86
C GLU B 306 20.30 -8.75 -17.68
N HIS B 307 19.78 -7.75 -16.95
CA HIS B 307 18.36 -7.77 -16.60
C HIS B 307 17.47 -6.85 -17.43
N ASN B 308 18.01 -6.03 -18.33
CA ASN B 308 17.18 -5.08 -19.07
C ASN B 308 16.82 -5.52 -20.48
N ALA B 309 17.06 -6.78 -20.84
CA ALA B 309 16.81 -7.24 -22.22
C ALA B 309 15.41 -6.91 -22.71
N TYR B 310 14.43 -6.84 -21.82
CA TYR B 310 13.07 -6.51 -22.27
C TYR B 310 13.01 -5.12 -22.91
N LYS B 311 13.85 -4.19 -22.43
CA LYS B 311 13.88 -2.86 -23.01
C LYS B 311 14.31 -2.88 -24.48
N VAL B 312 15.08 -3.89 -24.87
CA VAL B 312 15.47 -4.02 -26.28
C VAL B 312 14.26 -4.38 -27.12
N LYS B 313 13.38 -5.24 -26.61
CA LYS B 313 12.16 -5.57 -27.35
C LYS B 313 11.18 -4.40 -27.36
N LEU B 314 11.13 -3.62 -26.28
CA LEU B 314 10.14 -2.54 -26.21
C LEU B 314 10.51 -1.38 -27.11
N ALA B 315 11.81 -1.07 -27.23
CA ALA B 315 12.24 0.17 -27.87
C ALA B 315 11.67 0.38 -29.26
N PRO B 316 11.80 -0.55 -30.21
CA PRO B 316 11.19 -0.30 -31.53
C PRO B 316 9.68 -0.27 -31.49
N ARG B 317 9.06 -0.97 -30.54
CA ARG B 317 7.60 -1.05 -30.52
C ARG B 317 6.99 0.23 -29.95
N VAL B 318 7.61 0.84 -28.95
CA VAL B 318 7.09 2.12 -28.47
C VAL B 318 7.35 3.22 -29.50
N ILE B 319 8.40 3.07 -30.32
CA ILE B 319 8.63 4.01 -31.39
C ILE B 319 7.55 3.87 -32.45
N ALA B 320 7.24 2.64 -32.84
CA ALA B 320 6.24 2.43 -33.88
C ALA B 320 4.86 2.90 -33.42
N ARG B 321 4.43 2.45 -32.24
CA ARG B 321 3.08 2.73 -31.81
C ARG B 321 2.88 4.21 -31.46
N ALA B 322 3.94 4.90 -31.05
CA ALA B 322 3.81 6.34 -30.85
C ALA B 322 3.58 7.05 -32.18
N LEU B 323 4.24 6.56 -33.23
CA LEU B 323 4.02 7.12 -34.55
C LEU B 323 2.62 6.82 -35.05
N MET B 324 2.18 5.57 -34.89
CA MET B 324 0.84 5.20 -35.32
C MET B 324 -0.20 6.07 -34.64
N ALA B 325 -0.02 6.34 -33.35
CA ALA B 325 -0.99 7.17 -32.64
C ALA B 325 -0.93 8.61 -33.14
N ALA B 326 0.23 9.05 -33.63
CA ALA B 326 0.31 10.43 -34.12
C ALA B 326 -0.45 10.59 -35.42
N GLY B 327 -0.37 9.61 -36.31
CA GLY B 327 -1.03 9.68 -37.59
C GLY B 327 -2.53 9.53 -37.58
N GLU B 328 -3.16 9.46 -36.40
CA GLU B 328 -4.62 9.36 -36.28
C GLU B 328 -5.29 10.69 -35.99
N ILE B 329 -4.54 11.79 -35.86
CA ILE B 329 -5.13 13.01 -35.31
C ILE B 329 -5.84 13.83 -36.38
N ALA B 330 -5.08 14.51 -37.23
CA ALA B 330 -5.65 15.48 -38.17
C ALA B 330 -5.92 14.85 -39.53
N GLY C 28 -34.45 2.18 5.00
CA GLY C 28 -34.41 0.76 5.30
C GLY C 28 -35.08 0.46 6.63
N SER C 29 -34.29 0.20 7.67
CA SER C 29 -34.90 0.09 8.98
C SER C 29 -34.23 1.03 9.97
N PRO C 30 -35.00 1.69 10.82
CA PRO C 30 -34.45 2.88 11.53
C PRO C 30 -33.38 2.56 12.55
N ILE C 31 -33.48 1.42 13.25
CA ILE C 31 -32.48 1.14 14.26
C ILE C 31 -31.16 0.68 13.65
N GLU C 32 -31.14 0.27 12.41
CA GLU C 32 -29.92 -0.15 11.76
C GLU C 32 -29.21 -1.26 12.55
N GLY C 33 -29.94 -2.30 12.87
CA GLY C 33 -29.38 -3.36 13.65
C GLY C 33 -28.46 -4.24 12.82
N LEU C 34 -28.09 -5.36 13.42
CA LEU C 34 -27.19 -6.29 12.75
C LEU C 34 -27.83 -6.76 11.45
N GLY C 35 -27.04 -6.76 10.36
CA GLY C 35 -27.53 -7.07 9.05
C GLY C 35 -27.84 -5.85 8.19
N ALA C 36 -28.07 -4.69 8.80
CA ALA C 36 -28.27 -3.48 8.04
C ALA C 36 -26.97 -3.05 7.38
N ALA C 37 -27.10 -2.24 6.33
CA ALA C 37 -25.94 -1.65 5.69
C ALA C 37 -25.98 -0.18 6.04
N ARG C 38 -25.12 0.25 6.96
CA ARG C 38 -25.10 1.63 7.38
C ARG C 38 -23.70 2.17 7.20
N SER C 39 -23.57 3.48 7.40
CA SER C 39 -22.27 4.12 7.32
C SER C 39 -21.44 3.78 8.54
N ARG C 40 -20.12 3.94 8.40
CA ARG C 40 -19.20 3.59 9.47
C ARG C 40 -19.38 4.54 10.65
N GLY C 41 -19.56 3.97 11.85
CA GLY C 41 -19.70 4.81 13.02
C GLY C 41 -18.48 5.66 13.30
N ASP C 42 -17.32 5.22 12.84
CA ASP C 42 -16.08 5.98 12.94
C ASP C 42 -15.82 6.81 11.70
N GLY C 43 -16.78 6.89 10.78
CA GLY C 43 -16.52 7.52 9.50
C GLY C 43 -16.28 9.02 9.60
N ARG C 44 -17.04 9.70 10.44
CA ARG C 44 -16.95 11.15 10.49
C ARG C 44 -15.62 11.60 11.07
N VAL C 45 -15.17 10.97 12.17
CA VAL C 45 -13.88 11.34 12.74
C VAL C 45 -12.73 10.98 11.80
N LYS C 46 -12.96 10.05 10.87
CA LYS C 46 -11.91 9.73 9.91
C LYS C 46 -11.88 10.74 8.76
N VAL C 47 -13.04 11.22 8.31
CA VAL C 47 -13.05 12.10 7.15
C VAL C 47 -12.69 13.54 7.49
N ILE C 48 -12.78 13.94 8.76
CA ILE C 48 -12.36 15.27 9.16
C ILE C 48 -10.96 15.28 9.76
N GLY C 49 -10.29 14.14 9.84
CA GLY C 49 -8.96 14.09 10.43
C GLY C 49 -8.91 14.14 11.93
N GLU C 50 -10.02 13.86 12.61
CA GLU C 50 -10.04 13.89 14.07
C GLU C 50 -9.44 12.63 14.68
N ALA C 51 -9.72 11.47 14.08
CA ALA C 51 -9.27 10.20 14.64
C ALA C 51 -7.76 10.21 14.76
N ARG C 52 -7.26 9.83 15.94
CA ARG C 52 -5.85 9.92 16.25
C ARG C 52 -5.22 8.53 16.18
N TYR C 53 -4.29 8.35 15.25
CA TYR C 53 -3.53 7.12 15.16
C TYR C 53 -2.36 7.17 16.15
N ALA C 54 -1.56 6.11 16.17
CA ALA C 54 -0.68 5.85 17.31
C ALA C 54 0.24 7.03 17.62
N ILE C 55 1.02 7.49 16.64
CA ILE C 55 1.99 8.55 16.94
C ILE C 55 1.38 9.94 16.94
N GLU C 56 0.09 10.07 16.66
CA GLU C 56 -0.54 11.38 16.68
C GLU C 56 -1.00 11.79 18.08
N HIS C 57 -0.81 10.93 19.08
CA HIS C 57 -1.09 11.26 20.46
C HIS C 57 0.04 12.10 21.07
N GLN C 58 -0.32 12.87 22.11
CA GLN C 58 0.49 13.98 22.62
C GLN C 58 0.88 13.79 24.09
N PRO C 59 1.90 12.99 24.37
CA PRO C 59 2.54 13.06 25.68
C PRO C 59 3.40 14.31 25.75
N GLU C 60 3.72 14.72 26.96
CA GLU C 60 4.44 15.97 27.17
C GLU C 60 5.93 15.79 26.89
N ASN C 61 6.49 16.68 26.09
CA ASN C 61 7.91 16.70 25.76
C ASN C 61 8.45 15.33 25.33
N PRO C 62 7.91 14.75 24.26
CA PRO C 62 8.41 13.45 23.82
C PRO C 62 9.72 13.60 23.06
N LEU C 63 10.57 12.58 23.21
CA LEU C 63 11.78 12.48 22.39
C LEU C 63 11.44 11.77 21.08
N TYR C 64 12.42 11.67 20.19
CA TYR C 64 12.25 11.04 18.89
C TYR C 64 13.37 10.05 18.65
N GLY C 65 13.01 8.78 18.46
CA GLY C 65 13.98 7.76 18.09
C GLY C 65 13.98 7.50 16.61
N VAL C 66 15.12 7.05 16.10
CA VAL C 66 15.25 6.61 14.72
C VAL C 66 16.10 5.35 14.73
N VAL C 67 15.59 4.29 14.10
CA VAL C 67 16.21 2.97 14.18
C VAL C 67 17.36 2.86 13.19
N LEU C 68 18.37 2.08 13.56
CA LEU C 68 19.49 1.75 12.69
C LEU C 68 19.33 0.32 12.18
N GLN C 69 19.58 0.12 10.89
CA GLN C 69 19.44 -1.20 10.29
C GLN C 69 20.73 -1.62 9.59
N SER C 70 21.02 -2.91 9.64
CA SER C 70 22.24 -3.44 9.05
C SER C 70 22.19 -3.33 7.53
N THR C 71 23.36 -3.13 6.93
CA THR C 71 23.53 -3.09 5.49
C THR C 71 24.12 -4.37 4.89
N VAL C 72 24.35 -5.42 5.68
CA VAL C 72 24.85 -6.68 5.16
C VAL C 72 23.94 -7.81 5.61
N ALA C 73 24.02 -8.93 4.88
CA ALA C 73 23.11 -10.05 5.12
C ALA C 73 23.55 -10.94 6.27
N SER C 74 24.85 -11.21 6.38
CA SER C 74 25.35 -12.19 7.32
C SER C 74 26.72 -11.77 7.85
N GLY C 75 26.91 -11.88 9.15
CA GLY C 75 28.23 -11.57 9.66
C GLY C 75 28.17 -11.01 11.08
N ARG C 76 29.21 -10.24 11.40
CA ARG C 76 29.37 -9.57 12.68
C ARG C 76 29.44 -8.07 12.46
N ILE C 77 29.15 -7.31 13.50
CA ILE C 77 29.47 -5.88 13.51
C ILE C 77 30.86 -5.78 14.13
N SER C 78 31.85 -5.46 13.30
CA SER C 78 33.22 -5.43 13.78
C SER C 78 33.56 -4.09 14.41
N ARG C 79 33.06 -3.00 13.84
CA ARG C 79 33.36 -1.66 14.36
C ARG C 79 32.11 -0.80 14.25
N LEU C 80 31.75 -0.15 15.36
CA LEU C 80 30.61 0.77 15.40
C LEU C 80 31.01 1.99 16.20
N SER C 81 30.99 3.17 15.57
CA SER C 81 31.34 4.43 16.23
C SER C 81 30.16 5.37 16.14
N ALA C 82 29.54 5.67 17.27
CA ALA C 82 28.40 6.57 17.34
C ALA C 82 28.76 7.99 17.79
N GLU C 83 30.04 8.27 18.02
CA GLU C 83 30.40 9.52 18.67
C GLU C 83 29.99 10.73 17.85
N LYS C 84 30.15 10.66 16.53
CA LYS C 84 29.69 11.76 15.70
C LYS C 84 28.17 11.90 15.73
N ALA C 85 27.45 10.83 16.08
CA ALA C 85 26.01 10.92 16.24
C ALA C 85 25.63 11.48 17.60
N LEU C 86 26.34 11.06 18.66
CA LEU C 86 26.06 11.58 19.99
C LEU C 86 26.39 13.05 20.13
N GLN C 87 27.30 13.56 19.30
CA GLN C 87 27.76 14.93 19.39
C GLN C 87 26.87 15.92 18.61
N ALA C 88 25.95 15.43 17.79
CA ALA C 88 25.15 16.32 16.97
C ALA C 88 24.06 16.99 17.82
N ASP C 89 23.31 17.90 17.19
CA ASP C 89 22.34 18.71 17.90
C ASP C 89 21.22 17.85 18.49
N GLY C 90 20.99 18.01 19.78
CA GLY C 90 19.82 17.44 20.42
C GLY C 90 19.85 15.94 20.63
N VAL C 91 20.96 15.28 20.33
CA VAL C 91 21.01 13.82 20.47
C VAL C 91 21.28 13.48 21.93
N LEU C 92 20.32 12.79 22.55
CA LEU C 92 20.47 12.37 23.94
C LEU C 92 21.18 11.02 24.08
N ALA C 93 20.87 10.05 23.23
CA ALA C 93 21.45 8.72 23.39
C ALA C 93 21.48 8.00 22.05
N VAL C 94 22.42 7.05 21.95
CA VAL C 94 22.46 6.07 20.87
C VAL C 94 22.63 4.71 21.52
N TYR C 95 21.64 3.84 21.36
CA TYR C 95 21.66 2.53 21.97
C TYR C 95 21.98 1.49 20.91
N THR C 96 23.05 0.73 21.14
CA THR C 96 23.48 -0.35 20.26
C THR C 96 23.91 -1.50 21.14
N HIS C 97 24.48 -2.54 20.54
CA HIS C 97 25.04 -3.61 21.36
C HIS C 97 26.26 -3.14 22.16
N LEU C 98 26.93 -2.09 21.69
CA LEU C 98 28.05 -1.54 22.44
C LEU C 98 27.60 -0.65 23.60
N ASN C 99 26.42 -0.04 23.48
CA ASN C 99 25.79 0.71 24.56
C ASN C 99 24.39 0.13 24.76
N PRO C 100 24.30 -1.06 25.35
CA PRO C 100 23.07 -1.85 25.25
C PRO C 100 22.05 -1.57 26.35
N LEU C 101 20.88 -2.21 26.18
CA LEU C 101 19.79 -2.23 27.13
C LEU C 101 19.17 -3.61 27.04
N LYS C 102 18.88 -4.22 28.19
CA LYS C 102 18.40 -5.60 28.19
C LYS C 102 17.04 -5.67 27.51
N ILE C 103 16.93 -6.58 26.54
CA ILE C 103 15.66 -6.95 25.94
C ILE C 103 15.57 -8.47 26.02
N ASN C 104 14.56 -8.98 26.72
CA ASN C 104 14.40 -10.42 26.89
C ASN C 104 13.82 -11.07 25.64
N LYS C 105 14.36 -12.23 25.30
CA LYS C 105 13.81 -13.03 24.21
C LYS C 105 12.36 -13.37 24.49
N PRO C 106 11.42 -12.93 23.67
CA PRO C 106 10.00 -13.18 23.94
C PRO C 106 9.62 -14.62 23.63
N THR C 107 8.48 -15.03 24.20
CA THR C 107 7.92 -16.35 23.94
C THR C 107 7.24 -16.36 22.57
N ALA C 108 7.61 -17.33 21.74
CA ALA C 108 7.11 -17.38 20.38
C ALA C 108 5.61 -17.70 20.35
N ILE C 109 4.97 -17.34 19.24
CA ILE C 109 3.55 -17.62 19.07
C ILE C 109 3.28 -19.11 19.13
N ALA C 110 4.08 -19.91 18.43
CA ALA C 110 3.89 -21.35 18.41
C ALA C 110 4.02 -21.99 19.78
N ASP C 111 4.69 -21.34 20.73
CA ASP C 111 4.82 -21.83 22.09
C ASP C 111 3.76 -21.27 23.01
N GLY C 112 2.79 -20.54 22.48
CA GLY C 112 1.76 -19.95 23.29
C GLY C 112 1.98 -18.50 23.65
N GLY C 113 2.94 -17.83 23.00
CA GLY C 113 3.26 -16.46 23.30
C GLY C 113 2.68 -15.49 22.29
N ALA C 114 3.10 -14.24 22.42
CA ALA C 114 2.69 -13.13 21.56
C ALA C 114 3.74 -12.74 20.54
N ALA C 115 4.82 -13.51 20.37
CA ALA C 115 5.93 -13.08 19.53
C ALA C 115 5.93 -13.81 18.18
N GLN C 116 5.82 -13.04 17.09
CA GLN C 116 6.05 -13.59 15.76
C GLN C 116 7.54 -13.66 15.45
N SER C 117 8.30 -12.67 15.89
CA SER C 117 9.75 -12.65 15.75
C SER C 117 10.38 -12.63 17.13
N THR C 118 11.30 -13.57 17.38
CA THR C 118 12.02 -13.60 18.65
C THR C 118 13.34 -12.87 18.61
N TYR C 119 13.63 -12.16 17.51
CA TYR C 119 14.84 -11.37 17.44
C TYR C 119 14.87 -10.32 18.55
N THR C 120 16.02 -10.17 19.18
CA THR C 120 16.24 -9.16 20.21
C THR C 120 17.35 -8.24 19.75
N PRO C 121 17.06 -6.98 19.42
CA PRO C 121 18.11 -6.09 18.93
C PRO C 121 19.03 -5.62 20.06
N ILE C 122 20.23 -5.22 19.64
CA ILE C 122 21.28 -4.58 20.43
C ILE C 122 21.69 -5.46 21.61
N GLN C 123 21.43 -6.75 21.54
CA GLN C 123 21.95 -7.67 22.54
C GLN C 123 23.28 -8.35 22.15
N ASP C 124 23.69 -8.25 20.89
CA ASP C 124 24.97 -8.82 20.45
C ASP C 124 25.29 -8.25 19.08
N ASP C 125 26.45 -8.65 18.55
CA ASP C 125 26.96 -8.08 17.30
C ASP C 125 26.61 -8.92 16.08
N VAL C 126 25.79 -9.96 16.22
CA VAL C 126 25.54 -10.89 15.12
C VAL C 126 24.51 -10.30 14.16
N ILE C 127 24.78 -10.44 12.86
CA ILE C 127 23.88 -9.99 11.81
C ILE C 127 23.29 -11.20 11.13
N ILE C 128 21.99 -11.44 11.33
CA ILE C 128 21.31 -12.58 10.69
C ILE C 128 20.57 -12.21 9.41
N HIS C 129 20.36 -10.93 9.11
CA HIS C 129 19.80 -10.58 7.81
C HIS C 129 20.09 -9.13 7.49
N ASN C 130 19.91 -8.78 6.23
CA ASN C 130 20.08 -7.40 5.79
C ASN C 130 18.88 -6.57 6.22
N GLY C 131 19.14 -5.34 6.65
CA GLY C 131 18.08 -4.46 7.11
C GLY C 131 17.61 -4.72 8.52
N GLN C 132 18.43 -5.42 9.32
CA GLN C 132 18.06 -5.83 10.66
C GLN C 132 18.23 -4.68 11.64
N ASN C 133 17.32 -4.57 12.62
CA ASN C 133 17.39 -3.44 13.55
C ASN C 133 18.55 -3.68 14.49
N ILE C 134 19.58 -2.84 14.39
CA ILE C 134 20.78 -2.93 15.22
C ILE C 134 20.92 -1.82 16.23
N GLY C 135 19.97 -0.90 16.32
CA GLY C 135 20.10 0.19 17.28
C GLY C 135 19.08 1.28 17.04
N ILE C 136 19.14 2.29 17.90
CA ILE C 136 18.24 3.44 17.82
C ILE C 136 18.96 4.68 18.33
N VAL C 137 18.67 5.82 17.69
CA VAL C 137 19.24 7.12 18.04
C VAL C 137 18.12 7.98 18.58
N ILE C 138 18.28 8.50 19.79
CA ILE C 138 17.26 9.29 20.46
C ILE C 138 17.70 10.75 20.46
N ALA C 139 16.82 11.63 19.97
CA ALA C 139 17.11 13.05 19.93
C ALA C 139 15.88 13.84 20.35
N GLU C 140 16.04 15.16 20.46
CA GLU C 140 14.96 16.00 20.94
C GLU C 140 13.95 16.35 19.85
N THR C 141 14.39 16.45 18.58
CA THR C 141 13.46 16.62 17.49
C THR C 141 13.66 15.51 16.46
N PHE C 142 12.62 15.31 15.64
CA PHE C 142 12.66 14.26 14.62
C PHE C 142 13.75 14.56 13.59
N GLU C 143 13.92 15.82 13.24
CA GLU C 143 14.94 16.18 12.26
C GLU C 143 16.34 15.89 12.80
N GLN C 144 16.56 16.18 14.09
CA GLN C 144 17.86 15.89 14.69
C GLN C 144 18.12 14.39 14.74
N ALA C 145 17.09 13.59 14.99
CA ALA C 145 17.30 12.15 15.10
C ALA C 145 17.57 11.54 13.74
N THR C 146 16.90 12.04 12.71
CA THR C 146 17.13 11.51 11.37
C THR C 146 18.55 11.80 10.89
N TRP C 147 19.00 13.04 11.07
CA TRP C 147 20.33 13.41 10.60
C TRP C 147 21.40 12.64 11.34
N ALA C 148 21.33 12.63 12.68
CA ALA C 148 22.38 12.00 13.46
C ALA C 148 22.44 10.50 13.24
N ALA C 149 21.31 9.86 12.96
CA ALA C 149 21.36 8.44 12.67
C ALA C 149 22.21 8.17 11.44
N SER C 150 22.21 9.07 10.47
CA SER C 150 23.02 8.89 9.28
C SER C 150 24.51 9.04 9.56
N LEU C 151 24.90 9.54 10.73
CA LEU C 151 26.31 9.76 11.05
C LEU C 151 26.93 8.59 11.81
N VAL C 152 26.17 7.56 12.11
CA VAL C 152 26.72 6.38 12.77
C VAL C 152 27.49 5.56 11.75
N GLU C 153 28.74 5.22 12.06
CA GLU C 153 29.59 4.43 11.18
C GLU C 153 29.62 2.98 11.65
N ILE C 154 29.31 2.06 10.74
CA ILE C 154 29.25 0.64 11.08
C ILE C 154 30.09 -0.13 10.08
N GLU C 155 31.04 -0.91 10.58
CA GLU C 155 31.82 -1.84 9.79
C GLU C 155 31.43 -3.27 10.15
N TYR C 156 31.56 -4.17 9.18
CA TYR C 156 31.15 -5.55 9.38
C TYR C 156 32.28 -6.50 9.00
N GLU C 157 32.28 -7.66 9.64
CA GLU C 157 33.01 -8.84 9.14
C GLU C 157 31.95 -9.79 8.59
N THR C 158 31.89 -9.89 7.27
CA THR C 158 30.83 -10.66 6.62
C THR C 158 31.21 -12.13 6.55
N THR C 159 30.22 -12.99 6.74
CA THR C 159 30.33 -14.42 6.52
C THR C 159 29.43 -14.80 5.35
N PRO C 160 29.72 -15.92 4.68
CA PRO C 160 28.90 -16.32 3.53
C PRO C 160 27.42 -16.39 3.89
N ALA C 161 26.59 -15.74 3.08
CA ALA C 161 25.18 -15.58 3.39
C ALA C 161 24.34 -16.53 2.54
N ARG C 162 23.24 -17.03 3.12
CA ARG C 162 22.26 -17.76 2.36
C ARG C 162 21.17 -16.76 1.96
N VAL C 163 21.16 -16.38 0.68
CA VAL C 163 20.25 -15.35 0.21
C VAL C 163 18.89 -15.94 -0.16
N PHE C 164 18.87 -17.06 -0.86
CA PHE C 164 17.65 -17.62 -1.41
C PHE C 164 17.40 -19.00 -0.85
N ALA C 165 16.13 -19.39 -0.79
CA ALA C 165 15.77 -20.69 -0.24
C ALA C 165 16.37 -21.84 -1.02
N THR C 166 16.79 -21.61 -2.26
CA THR C 166 17.36 -22.65 -3.11
C THR C 166 18.88 -22.69 -3.07
N ASP C 167 19.51 -21.84 -2.26
CA ASP C 167 20.96 -21.81 -2.18
C ASP C 167 21.52 -23.07 -1.51
N GLU C 168 22.80 -23.33 -1.77
CA GLU C 168 23.50 -24.44 -1.12
C GLU C 168 23.61 -24.23 0.38
N GLY C 169 23.58 -25.32 1.12
CA GLY C 169 23.73 -25.26 2.56
C GLY C 169 22.53 -24.75 3.31
N VAL C 170 21.42 -24.46 2.62
CA VAL C 170 20.22 -24.02 3.31
C VAL C 170 19.58 -25.22 4.01
N GLU C 171 19.33 -25.07 5.31
CA GLU C 171 18.68 -26.13 6.06
C GLU C 171 17.20 -26.17 5.72
N ALA C 172 16.68 -27.38 5.53
CA ALA C 172 15.27 -27.60 5.27
C ALA C 172 14.65 -28.27 6.49
N LYS C 173 13.69 -27.60 7.11
CA LYS C 173 12.96 -28.18 8.23
C LYS C 173 11.56 -28.54 7.76
N PRO C 174 11.20 -29.82 7.74
CA PRO C 174 9.84 -30.17 7.34
C PRO C 174 8.85 -29.77 8.41
N MET C 175 7.67 -29.37 7.99
CA MET C 175 6.59 -29.14 8.94
C MET C 175 5.74 -30.40 8.87
N SER C 176 5.99 -31.32 9.80
CA SER C 176 5.43 -32.66 9.69
C SER C 176 4.02 -32.71 10.26
N ALA C 177 3.76 -31.98 11.34
CA ALA C 177 2.44 -31.94 11.93
C ALA C 177 1.40 -31.38 10.96
N GLN C 178 1.81 -30.60 9.98
CA GLN C 178 0.91 -30.08 8.96
C GLN C 178 0.91 -30.90 7.70
N ASP C 179 1.65 -32.01 7.64
CA ASP C 179 1.63 -32.87 6.46
C ASP C 179 0.21 -33.39 6.25
N ILE C 180 -0.17 -33.52 5.00
CA ILE C 180 -1.42 -34.15 4.62
C ILE C 180 -1.08 -35.52 4.08
N ASP C 181 -1.47 -36.56 4.81
CA ASP C 181 -1.46 -37.93 4.30
C ASP C 181 -2.92 -38.40 4.28
N LEU C 182 -3.51 -38.48 3.10
CA LEU C 182 -4.93 -38.78 2.97
C LEU C 182 -5.10 -39.80 1.87
N GLY C 183 -5.91 -40.83 2.14
CA GLY C 183 -6.02 -41.91 1.19
C GLY C 183 -4.65 -42.50 0.92
N ASP C 184 -4.44 -42.93 -0.32
CA ASP C 184 -3.12 -43.31 -0.79
C ASP C 184 -2.86 -42.57 -2.09
N ALA C 185 -1.97 -41.58 -2.05
CA ALA C 185 -1.72 -40.76 -3.22
C ALA C 185 -0.75 -41.42 -4.18
N ALA C 186 0.26 -42.11 -3.64
CA ALA C 186 1.25 -42.75 -4.50
C ALA C 186 0.61 -43.81 -5.37
N THR C 187 -0.24 -44.65 -4.77
CA THR C 187 -0.95 -45.66 -5.55
C THR C 187 -1.91 -45.00 -6.54
N ALA C 188 -2.68 -44.03 -6.07
CA ALA C 188 -3.69 -43.42 -6.95
C ALA C 188 -3.04 -42.61 -8.07
N MET C 189 -1.90 -41.96 -7.79
CA MET C 189 -1.24 -41.19 -8.83
C MET C 189 -0.62 -42.10 -9.88
N HIS C 190 -0.08 -43.24 -9.46
CA HIS C 190 0.54 -44.17 -10.40
C HIS C 190 -0.47 -44.69 -11.42
N SER C 191 -1.73 -44.81 -11.04
CA SER C 191 -2.78 -45.30 -11.92
C SER C 191 -3.59 -44.18 -12.59
N ALA C 192 -3.23 -42.92 -12.37
CA ALA C 192 -4.01 -41.83 -12.94
C ALA C 192 -3.80 -41.71 -14.44
N GLU C 193 -4.88 -41.51 -15.17
CA GLU C 193 -4.79 -41.47 -16.63
C GLU C 193 -4.14 -40.17 -17.10
N VAL C 194 -4.50 -39.04 -16.49
CA VAL C 194 -4.00 -37.73 -16.88
C VAL C 194 -3.27 -37.15 -15.70
N ARG C 195 -2.01 -36.75 -15.92
CA ARG C 195 -1.16 -36.20 -14.89
C ARG C 195 -0.69 -34.82 -15.31
N ILE C 196 -0.89 -33.84 -14.43
CA ILE C 196 -0.38 -32.49 -14.61
C ILE C 196 0.68 -32.26 -13.54
N ASN C 197 1.89 -31.88 -13.94
CA ASN C 197 2.98 -31.68 -12.99
C ASN C 197 3.68 -30.36 -13.31
N GLN C 198 3.57 -29.39 -12.42
CA GLN C 198 4.14 -28.06 -12.67
C GLN C 198 4.51 -27.43 -11.33
N ARG C 199 5.36 -26.42 -11.40
CA ARG C 199 5.76 -25.67 -10.22
C ARG C 199 5.16 -24.27 -10.27
N TYR C 200 4.66 -23.80 -9.12
CA TYR C 200 4.07 -22.48 -8.98
C TYR C 200 4.76 -21.75 -7.83
N THR C 201 5.17 -20.51 -8.08
CA THR C 201 5.89 -19.74 -7.08
C THR C 201 5.21 -18.40 -6.85
N THR C 202 5.34 -17.89 -5.63
CA THR C 202 5.00 -16.52 -5.32
C THR C 202 6.21 -15.82 -4.74
N PRO C 203 6.43 -14.54 -5.06
CA PRO C 203 7.61 -13.84 -4.60
C PRO C 203 7.39 -13.30 -3.19
N ARG C 204 8.41 -12.63 -2.66
CA ARG C 204 8.21 -11.88 -1.43
C ARG C 204 7.21 -10.77 -1.67
N GLU C 205 6.23 -10.67 -0.79
CA GLU C 205 5.19 -9.64 -0.86
C GLU C 205 5.11 -8.95 0.49
N TYR C 206 4.64 -7.70 0.49
CA TYR C 206 4.69 -6.87 1.68
C TYR C 206 3.33 -6.23 1.91
N ASN C 207 2.85 -6.30 3.15
CA ASN C 207 1.51 -5.80 3.47
C ASN C 207 1.36 -4.33 3.09
N MET C 208 2.41 -3.54 3.32
CA MET C 208 2.44 -2.13 2.99
C MET C 208 1.15 -1.36 3.33
N PRO C 209 0.71 -1.42 4.59
CA PRO C 209 -0.40 -0.53 4.97
C PRO C 209 0.06 0.90 4.87
N MET C 210 -0.89 1.79 4.63
CA MET C 210 -0.52 3.19 4.41
C MET C 210 0.01 3.85 5.68
N GLU C 211 -0.32 3.35 6.85
CA GLU C 211 0.26 3.84 8.09
C GLU C 211 1.53 3.07 8.41
N PRO C 212 2.69 3.72 8.43
CA PRO C 212 3.93 3.02 8.77
C PRO C 212 3.91 2.54 10.21
N HIS C 213 4.70 1.51 10.48
CA HIS C 213 4.81 1.03 11.85
C HIS C 213 5.53 2.07 12.69
N ALA C 214 4.87 2.52 13.76
CA ALA C 214 5.38 3.60 14.59
C ALA C 214 4.71 3.49 15.94
N CYS C 215 5.33 4.08 16.96
CA CYS C 215 4.76 3.97 18.28
C CYS C 215 5.26 5.11 19.17
N ILE C 216 4.57 5.29 20.29
CA ILE C 216 4.99 6.16 21.37
C ILE C 216 5.09 5.29 22.61
N ALA C 217 6.30 5.13 23.14
CA ALA C 217 6.52 4.37 24.36
C ALA C 217 6.69 5.35 25.52
N HIS C 218 5.88 5.18 26.56
CA HIS C 218 5.94 6.07 27.72
C HIS C 218 6.07 5.21 28.97
N TRP C 219 7.25 5.22 29.57
CA TRP C 219 7.53 4.43 30.76
C TRP C 219 7.44 5.31 32.00
N HIS C 220 6.64 4.89 32.98
CA HIS C 220 6.56 5.63 34.22
C HIS C 220 6.36 4.67 35.39
N GLU C 221 7.20 4.82 36.41
CA GLU C 221 6.95 4.25 37.74
C GLU C 221 6.58 2.76 37.67
N GLY C 222 7.44 1.97 37.03
CA GLY C 222 7.21 0.53 36.98
C GLY C 222 6.14 0.09 36.01
N GLN C 223 5.44 1.01 35.35
CA GLN C 223 4.46 0.70 34.33
C GLN C 223 4.85 1.39 33.02
N ILE C 224 4.34 0.86 31.91
CA ILE C 224 4.55 1.48 30.61
C ILE C 224 3.23 1.56 29.86
N THR C 225 3.01 2.68 29.20
CA THR C 225 1.91 2.86 28.26
C THR C 225 2.52 3.03 26.88
N VAL C 226 2.04 2.24 25.92
CA VAL C 226 2.55 2.25 24.55
C VAL C 226 1.39 2.50 23.61
N TRP C 227 1.54 3.49 22.73
CA TRP C 227 0.57 3.71 21.67
C TRP C 227 1.07 2.93 20.46
N GLU C 228 0.45 1.78 20.22
CA GLU C 228 0.91 0.80 19.23
C GLU C 228 -0.22 0.49 18.25
N PRO C 229 -0.07 0.76 16.95
CA PRO C 229 -1.09 0.28 16.02
C PRO C 229 -1.15 -1.23 16.06
N SER C 230 -2.34 -1.78 16.30
CA SER C 230 -2.43 -3.18 16.66
C SER C 230 -3.75 -3.78 16.18
N GLN C 231 -3.69 -5.01 15.69
CA GLN C 231 -4.89 -5.81 15.49
C GLN C 231 -5.22 -6.67 16.70
N TRP C 232 -4.27 -6.80 17.62
CA TRP C 232 -4.48 -7.59 18.83
C TRP C 232 -3.80 -6.83 19.96
N VAL C 233 -4.58 -6.18 20.84
CA VAL C 233 -3.91 -5.38 21.87
C VAL C 233 -3.47 -6.25 23.04
N ALA C 234 -4.16 -7.36 23.29
CA ALA C 234 -3.68 -8.30 24.30
C ALA C 234 -2.34 -8.89 23.90
N GLY C 235 -2.15 -9.16 22.61
CA GLY C 235 -0.87 -9.67 22.15
C GLY C 235 0.24 -8.64 22.32
N ALA C 236 -0.04 -7.38 22.03
CA ALA C 236 0.96 -6.35 22.24
C ALA C 236 1.32 -6.25 23.71
N GLN C 237 0.33 -6.37 24.59
CA GLN C 237 0.58 -6.25 26.01
C GLN C 237 1.48 -7.37 26.52
N VAL C 238 1.31 -8.57 25.95
CA VAL C 238 2.09 -9.72 26.43
C VAL C 238 3.55 -9.59 25.99
N GLU C 239 3.79 -9.30 24.71
CA GLU C 239 5.15 -9.32 24.18
C GLU C 239 5.97 -8.15 24.71
N ILE C 240 5.34 -6.99 24.92
CA ILE C 240 6.08 -5.85 25.43
C ILE C 240 6.44 -6.07 26.88
N ALA C 241 5.55 -6.69 27.65
CA ALA C 241 5.88 -7.00 29.03
C ALA C 241 7.03 -7.99 29.11
N GLU C 242 7.05 -8.97 28.19
CA GLU C 242 8.12 -9.95 28.19
C GLU C 242 9.44 -9.29 27.81
N TRP C 243 9.43 -8.46 26.77
CA TRP C 243 10.63 -7.71 26.41
C TRP C 243 11.18 -6.98 27.62
N LEU C 244 10.33 -6.20 28.29
CA LEU C 244 10.77 -5.38 29.40
C LEU C 244 10.99 -6.17 30.68
N GLY C 245 10.53 -7.42 30.73
CA GLY C 245 10.70 -8.23 31.93
C GLY C 245 9.82 -7.80 33.08
N ILE C 246 8.57 -7.43 32.79
CA ILE C 246 7.62 -7.00 33.82
C ILE C 246 6.32 -7.78 33.62
N GLU C 247 5.46 -7.72 34.64
CA GLU C 247 4.18 -8.42 34.58
C GLU C 247 3.33 -7.87 33.45
N THR C 248 2.51 -8.74 32.87
CA THR C 248 1.68 -8.34 31.74
C THR C 248 0.75 -7.21 32.13
N GLU C 249 0.20 -7.26 33.35
CA GLU C 249 -0.72 -6.22 33.80
C GLU C 249 -0.07 -4.85 33.87
N LYS C 250 1.27 -4.79 33.87
CA LYS C 250 1.98 -3.53 33.99
C LYS C 250 2.11 -2.76 32.69
N VAL C 251 1.55 -3.30 31.60
CA VAL C 251 1.63 -2.68 30.28
C VAL C 251 0.23 -2.28 29.86
N ARG C 252 0.08 -1.04 29.40
CA ARG C 252 -1.16 -0.54 28.81
C ARG C 252 -0.94 -0.23 27.34
N ILE C 253 -1.79 -0.78 26.47
CA ILE C 253 -1.67 -0.60 25.02
C ILE C 253 -2.89 0.18 24.55
N ILE C 254 -2.64 1.31 23.89
CA ILE C 254 -3.70 2.20 23.44
C ILE C 254 -3.68 2.22 21.91
N SER C 255 -4.71 1.64 21.30
CA SER C 255 -4.76 1.57 19.83
C SER C 255 -6.17 1.69 19.30
N PRO C 256 -6.86 2.82 19.51
CA PRO C 256 -8.26 2.91 19.05
C PRO C 256 -8.41 2.95 17.54
N TYR C 257 -7.39 3.41 16.81
CA TYR C 257 -7.47 3.49 15.37
C TYR C 257 -6.18 2.98 14.77
N VAL C 258 -6.29 2.17 13.72
CA VAL C 258 -5.14 1.58 13.05
C VAL C 258 -5.26 1.86 11.56
N GLY C 259 -4.13 2.16 10.93
CA GLY C 259 -4.11 2.49 9.51
C GLY C 259 -3.96 1.25 8.64
N GLY C 260 -4.39 0.12 9.18
CA GLY C 260 -4.37 -1.17 8.52
C GLY C 260 -3.12 -1.95 8.85
N GLY C 261 -3.24 -3.27 9.04
CA GLY C 261 -2.07 -4.12 9.02
C GLY C 261 -2.06 -5.19 7.94
N PHE C 262 -3.25 -5.60 7.51
CA PHE C 262 -3.39 -6.72 6.60
C PHE C 262 -2.51 -7.90 7.02
N GLY C 263 -2.36 -8.09 8.33
CA GLY C 263 -1.52 -9.13 8.88
C GLY C 263 -0.19 -8.66 9.42
N SER C 264 0.16 -7.39 9.22
CA SER C 264 1.47 -6.92 9.64
C SER C 264 1.48 -6.28 11.02
N LYS C 265 0.33 -6.06 11.67
CA LYS C 265 0.34 -5.54 13.04
C LYS C 265 -0.54 -6.34 14.01
N PRO C 266 -0.45 -7.68 14.03
CA PRO C 266 -1.08 -8.41 15.13
C PRO C 266 -0.24 -8.34 16.39
N VAL C 267 1.07 -8.24 16.21
CA VAL C 267 2.01 -8.21 17.34
C VAL C 267 3.12 -7.23 17.04
N PRO C 268 3.66 -6.60 18.07
CA PRO C 268 4.69 -5.58 17.86
C PRO C 268 5.99 -6.20 17.35
N TYR C 269 6.83 -5.36 16.77
CA TYR C 269 8.14 -5.77 16.30
C TYR C 269 9.20 -4.93 16.99
N THR C 270 10.47 -5.22 16.69
CA THR C 270 11.52 -4.85 17.63
C THR C 270 11.75 -3.35 17.73
N HIS C 271 11.30 -2.57 16.75
CA HIS C 271 11.40 -1.13 16.89
C HIS C 271 10.59 -0.62 18.07
N VAL C 272 9.55 -1.36 18.44
CA VAL C 272 8.81 -1.06 19.66
C VAL C 272 9.62 -1.48 20.88
N ALA C 273 10.34 -2.59 20.78
CA ALA C 273 11.22 -2.98 21.88
C ALA C 273 12.26 -1.91 22.13
N LEU C 274 12.90 -1.43 21.06
CA LEU C 274 13.89 -0.37 21.21
C LEU C 274 13.24 0.89 21.76
N ALA C 275 12.00 1.18 21.36
CA ALA C 275 11.34 2.38 21.85
C ALA C 275 11.03 2.25 23.33
N SER C 276 10.68 1.06 23.79
CA SER C 276 10.28 0.89 25.18
C SER C 276 11.48 1.00 26.12
N VAL C 277 12.55 0.24 25.84
CA VAL C 277 13.70 0.26 26.75
C VAL C 277 14.36 1.64 26.74
N ALA C 278 14.38 2.30 25.59
CA ALA C 278 14.90 3.67 25.55
C ALA C 278 14.07 4.59 26.43
N SER C 279 12.75 4.46 26.36
CA SER C 279 11.89 5.30 27.20
C SER C 279 12.09 4.99 28.68
N ARG C 280 12.35 3.74 29.02
CA ARG C 280 12.61 3.40 30.42
C ARG C 280 13.98 3.92 30.87
N ALA C 281 14.96 3.89 29.97
CA ALA C 281 16.29 4.36 30.35
C ALA C 281 16.31 5.87 30.49
N LEU C 282 15.68 6.58 29.56
CA LEU C 282 15.63 8.04 29.62
C LEU C 282 14.48 8.55 30.47
N ASN C 283 13.58 7.68 30.91
CA ASN C 283 12.45 8.07 31.73
C ASN C 283 11.63 9.18 31.06
N ARG C 284 11.47 9.07 29.74
CA ARG C 284 10.76 10.07 28.96
C ARG C 284 10.03 9.37 27.82
N PRO C 285 8.98 9.98 27.27
CA PRO C 285 8.31 9.40 26.11
C PRO C 285 9.17 9.49 24.87
N VAL C 286 9.13 8.43 24.06
CA VAL C 286 9.90 8.36 22.83
C VAL C 286 8.97 7.98 21.68
N LYS C 287 8.87 8.85 20.68
CA LYS C 287 8.15 8.55 19.46
C LYS C 287 9.13 7.91 18.48
N VAL C 288 8.85 6.68 18.05
CA VAL C 288 9.71 5.96 17.13
C VAL C 288 8.88 5.55 15.93
N SER C 289 9.25 6.04 14.76
CA SER C 289 8.64 5.62 13.51
C SER C 289 9.67 4.87 12.68
N LEU C 290 9.31 3.68 12.24
CA LEU C 290 10.04 3.08 11.12
C LEU C 290 9.81 3.95 9.89
N THR C 291 10.89 4.27 9.17
CA THR C 291 10.70 4.85 7.85
C THR C 291 10.04 3.81 6.94
N ARG C 292 9.33 4.29 5.94
CA ARG C 292 8.73 3.38 4.97
C ARG C 292 9.72 2.36 4.40
N PRO C 293 10.94 2.73 4.01
CA PRO C 293 11.89 1.68 3.60
C PRO C 293 12.22 0.73 4.72
N GLN C 294 12.27 1.20 5.96
CA GLN C 294 12.65 0.32 7.05
C GLN C 294 11.56 -0.71 7.38
N THR C 295 10.32 -0.47 6.95
CA THR C 295 9.27 -1.44 7.24
C THR C 295 9.40 -2.70 6.41
N PHE C 296 10.31 -2.74 5.44
CA PHE C 296 10.49 -3.95 4.67
C PHE C 296 11.33 -4.98 5.43
N THR C 297 12.37 -4.53 6.12
CA THR C 297 13.20 -5.41 6.93
C THR C 297 12.96 -5.27 8.42
N GLY C 298 12.14 -4.33 8.87
CA GLY C 298 11.84 -4.23 10.29
C GLY C 298 10.85 -5.26 10.78
N LEU C 299 10.18 -5.92 9.84
CA LEU C 299 9.26 -7.02 10.09
C LEU C 299 9.19 -7.79 8.80
N GLY C 300 8.46 -8.90 8.82
CA GLY C 300 8.30 -9.72 7.63
C GLY C 300 7.03 -9.43 6.86
N GLY C 301 7.07 -9.71 5.55
CA GLY C 301 5.89 -9.84 4.73
C GLY C 301 5.58 -11.30 4.44
N ARG C 302 4.88 -11.53 3.36
CA ARG C 302 4.64 -12.91 2.98
C ARG C 302 5.96 -13.46 2.46
N PRO C 303 6.43 -14.60 2.98
CA PRO C 303 7.67 -15.18 2.47
C PRO C 303 7.44 -15.78 1.09
N ALA C 304 8.52 -15.83 0.31
CA ALA C 304 8.44 -16.47 -1.00
C ALA C 304 8.10 -17.95 -0.83
N THR C 305 7.23 -18.46 -1.70
CA THR C 305 6.85 -19.86 -1.65
C THR C 305 7.15 -20.51 -2.99
N SER C 306 7.26 -21.84 -2.96
CA SER C 306 7.38 -22.64 -4.17
C SER C 306 6.64 -23.94 -3.93
N GLN C 307 5.85 -24.37 -4.90
CA GLN C 307 5.13 -25.62 -4.75
C GLN C 307 5.20 -26.41 -6.04
N GLN C 308 5.62 -27.67 -5.94
CA GLN C 308 5.53 -28.61 -7.04
C GLN C 308 4.23 -29.39 -6.86
N LEU C 309 3.28 -29.19 -7.77
CA LEU C 309 1.93 -29.68 -7.58
C LEU C 309 1.57 -30.61 -8.72
N GLU C 310 1.24 -31.86 -8.38
CA GLU C 310 0.85 -32.85 -9.37
C GLU C 310 -0.61 -33.20 -9.18
N LEU C 311 -1.36 -33.22 -10.28
CA LEU C 311 -2.77 -33.59 -10.30
C LEU C 311 -2.92 -34.84 -11.14
N GLY C 312 -3.27 -35.96 -10.51
CA GLY C 312 -3.75 -37.12 -11.25
C GLY C 312 -5.26 -37.07 -11.47
N ALA C 313 -5.70 -37.46 -12.65
CA ALA C 313 -7.13 -37.42 -12.95
C ALA C 313 -7.46 -38.43 -14.03
N SER C 314 -8.69 -38.95 -13.98
CA SER C 314 -9.23 -39.67 -15.12
C SER C 314 -9.63 -38.68 -16.20
N ARG C 315 -9.79 -39.20 -17.42
CA ARG C 315 -9.93 -38.35 -18.60
C ARG C 315 -11.22 -37.55 -18.63
N ASP C 316 -12.18 -37.87 -17.77
CA ASP C 316 -13.36 -37.02 -17.64
C ASP C 316 -13.06 -35.73 -16.89
N GLY C 317 -11.87 -35.59 -16.32
CA GLY C 317 -11.50 -34.45 -15.50
C GLY C 317 -11.54 -34.71 -14.02
N LYS C 318 -12.14 -35.83 -13.59
CA LYS C 318 -12.26 -36.12 -12.18
C LYS C 318 -10.91 -36.49 -11.59
N ILE C 319 -10.51 -35.79 -10.53
CA ILE C 319 -9.18 -35.89 -9.95
C ILE C 319 -9.18 -36.95 -8.86
N GLU C 320 -8.39 -38.01 -9.05
CA GLU C 320 -8.26 -39.06 -8.05
C GLU C 320 -7.01 -38.95 -7.19
N ALA C 321 -6.08 -38.05 -7.50
CA ALA C 321 -4.87 -37.96 -6.69
C ALA C 321 -4.25 -36.59 -6.82
N ILE C 322 -3.64 -36.13 -5.73
CA ILE C 322 -2.86 -34.90 -5.73
C ILE C 322 -1.61 -35.14 -4.90
N ILE C 323 -0.45 -34.82 -5.47
CA ILE C 323 0.83 -34.88 -4.76
C ILE C 323 1.44 -33.49 -4.80
N GLN C 324 1.82 -32.98 -3.62
CA GLN C 324 2.36 -31.63 -3.51
C GLN C 324 3.61 -31.66 -2.63
N ARG C 325 4.64 -30.94 -3.07
CA ARG C 325 5.84 -30.70 -2.28
C ARG C 325 6.14 -29.22 -2.38
N SER C 326 6.12 -28.53 -1.24
CA SER C 326 6.24 -27.08 -1.23
C SER C 326 7.24 -26.64 -0.17
N PHE C 327 7.69 -25.38 -0.31
CA PHE C 327 8.56 -24.79 0.69
C PHE C 327 8.39 -23.28 0.68
N SER C 328 8.88 -22.65 1.75
CA SER C 328 8.82 -21.20 1.89
C SER C 328 10.01 -20.74 2.72
N GLU C 329 10.37 -19.46 2.57
CA GLU C 329 11.51 -18.93 3.31
C GLU C 329 11.14 -18.64 4.76
N THR C 330 12.15 -18.72 5.62
CA THR C 330 12.05 -18.24 7.00
C THR C 330 13.45 -17.86 7.45
N SER C 331 13.53 -17.11 8.54
CA SER C 331 14.83 -16.66 9.03
C SER C 331 15.60 -17.82 9.65
N LEU C 332 16.82 -17.52 10.09
CA LEU C 332 17.64 -18.50 10.80
C LEU C 332 17.21 -18.68 12.23
N ILE C 333 16.29 -17.85 12.71
CA ILE C 333 15.96 -17.75 14.13
C ILE C 333 14.58 -18.35 14.41
N ASP C 334 13.55 -17.84 13.74
CA ASP C 334 12.18 -18.31 13.94
C ASP C 334 11.73 -19.22 12.81
N VAL C 335 10.92 -20.21 13.15
CA VAL C 335 10.33 -21.12 12.18
C VAL C 335 8.91 -20.65 11.92
N PHE C 336 8.68 -20.07 10.75
CA PHE C 336 7.34 -19.69 10.32
C PHE C 336 7.10 -20.32 8.97
N ALA C 337 5.91 -20.87 8.77
CA ALA C 337 5.57 -21.56 7.54
C ALA C 337 4.47 -20.81 6.83
N GLU C 338 4.66 -20.55 5.54
CA GLU C 338 3.57 -20.16 4.66
C GLU C 338 3.24 -21.44 3.91
N ASN C 339 2.18 -22.12 4.34
CA ASN C 339 1.96 -23.52 3.99
C ASN C 339 1.07 -23.60 2.76
N CYS C 340 1.59 -24.18 1.69
CA CYS C 340 0.90 -24.23 0.41
C CYS C 340 -0.14 -25.35 0.34
N SER C 341 -0.30 -26.13 1.39
CA SER C 341 -1.28 -27.22 1.43
C SER C 341 -2.61 -26.82 2.08
N LYS C 342 -2.77 -25.55 2.46
CA LYS C 342 -3.94 -25.16 3.26
C LYS C 342 -5.25 -25.46 2.56
N VAL C 343 -5.34 -25.15 1.27
CA VAL C 343 -6.56 -25.36 0.49
C VAL C 343 -6.50 -26.63 -0.36
N THR C 344 -5.35 -27.30 -0.43
CA THR C 344 -5.10 -28.30 -1.46
C THR C 344 -6.06 -29.48 -1.38
N ALA C 345 -6.33 -29.98 -0.18
CA ALA C 345 -7.26 -31.09 -0.01
C ALA C 345 -8.66 -30.65 0.35
N ARG C 346 -8.87 -29.35 0.57
CA ARG C 346 -10.17 -28.84 1.01
C ARG C 346 -11.12 -28.62 -0.16
N MET C 347 -10.61 -28.20 -1.30
CA MET C 347 -11.46 -27.55 -2.29
C MET C 347 -12.28 -28.52 -3.13
N TYR C 348 -11.72 -29.68 -3.49
CA TYR C 348 -12.36 -30.55 -4.45
C TYR C 348 -12.57 -31.94 -3.86
N ALA C 349 -13.15 -32.84 -4.63
CA ALA C 349 -13.46 -34.16 -4.13
C ALA C 349 -12.32 -35.07 -4.58
N VAL C 350 -11.35 -35.25 -3.68
CA VAL C 350 -10.14 -35.99 -3.97
C VAL C 350 -9.85 -36.82 -2.73
N SER C 351 -9.85 -38.15 -2.88
CA SER C 351 -9.70 -39.03 -1.74
C SER C 351 -8.24 -39.33 -1.41
N ASN C 352 -7.31 -39.05 -2.31
CA ASN C 352 -5.90 -39.38 -2.09
C ASN C 352 -5.05 -38.13 -2.31
N VAL C 353 -4.51 -37.59 -1.21
CA VAL C 353 -3.77 -36.34 -1.27
C VAL C 353 -2.55 -36.49 -0.37
N SER C 354 -1.36 -36.28 -0.94
CA SER C 354 -0.12 -36.24 -0.17
C SER C 354 0.51 -34.86 -0.34
N ALA C 355 0.62 -34.13 0.77
CA ALA C 355 1.25 -32.81 0.75
C ALA C 355 2.20 -32.70 1.93
N GLN C 356 3.41 -32.22 1.66
CA GLN C 356 4.41 -31.98 2.70
C GLN C 356 5.07 -30.65 2.42
N HIS C 357 5.16 -29.81 3.45
CA HIS C 357 5.73 -28.48 3.34
C HIS C 357 6.94 -28.37 4.25
N GLN C 358 7.97 -27.67 3.79
CA GLN C 358 9.16 -27.44 4.58
C GLN C 358 9.52 -25.97 4.54
N VAL C 359 10.20 -25.52 5.56
CA VAL C 359 10.69 -24.14 5.60
C VAL C 359 12.18 -24.16 5.32
N ARG C 360 12.65 -23.11 4.67
CA ARG C 360 14.04 -22.97 4.28
C ARG C 360 14.63 -21.81 5.05
N LEU C 361 15.57 -22.11 5.94
CA LEU C 361 16.19 -21.09 6.78
C LEU C 361 17.29 -20.39 6.00
N ILE C 362 17.14 -19.09 5.81
CA ILE C 362 18.05 -18.27 5.01
C ILE C 362 18.29 -16.97 5.76
N ASN C 363 19.12 -16.09 5.18
CA ASN C 363 19.38 -14.82 5.85
C ASN C 363 18.32 -13.86 5.34
N THR C 364 17.28 -13.70 6.15
CA THR C 364 16.14 -12.85 5.82
C THR C 364 15.44 -12.55 7.12
N VAL C 365 14.63 -11.48 7.10
CA VAL C 365 13.90 -11.14 8.32
C VAL C 365 12.84 -12.22 8.57
N THR C 366 12.53 -12.44 9.84
CA THR C 366 11.49 -13.40 10.18
C THR C 366 10.20 -13.03 9.43
N PRO C 367 9.59 -13.98 8.72
CA PRO C 367 8.40 -13.66 7.93
C PRO C 367 7.23 -13.26 8.82
N GLY C 368 6.17 -12.75 8.17
CA GLY C 368 5.00 -12.31 8.89
C GLY C 368 3.73 -12.63 8.11
N TRP C 369 2.61 -12.38 8.76
CA TRP C 369 1.32 -12.66 8.13
C TRP C 369 1.07 -11.67 6.99
N MET C 370 0.47 -12.18 5.92
CA MET C 370 -0.15 -11.33 4.92
C MET C 370 -1.45 -11.98 4.51
N ARG C 371 -2.36 -11.17 3.99
CA ARG C 371 -3.79 -11.50 3.92
C ARG C 371 -4.02 -12.89 3.36
N ALA C 372 -4.73 -13.72 4.14
CA ALA C 372 -4.90 -15.14 3.93
C ALA C 372 -3.56 -15.87 3.92
N PRO C 373 -2.84 -15.95 5.05
CA PRO C 373 -1.57 -16.66 5.08
C PRO C 373 -1.75 -18.14 4.77
N GLY C 374 -1.01 -18.62 3.77
CA GLY C 374 -0.98 -20.03 3.45
C GLY C 374 -2.17 -20.42 2.61
N GLU C 375 -3.29 -19.71 2.79
CA GLU C 375 -4.44 -19.95 1.96
C GLU C 375 -4.27 -19.28 0.60
N ASN C 376 -3.66 -18.10 0.58
CA ASN C 376 -3.42 -17.39 -0.68
C ASN C 376 -2.50 -18.16 -1.60
N PRO C 377 -1.28 -18.54 -1.21
CA PRO C 377 -0.44 -19.30 -2.15
C PRO C 377 -0.94 -20.71 -2.41
N SER C 378 -1.67 -21.32 -1.48
CA SER C 378 -2.22 -22.65 -1.75
C SER C 378 -3.25 -22.59 -2.86
N ALA C 379 -4.16 -21.61 -2.80
CA ALA C 379 -5.19 -21.50 -3.82
C ALA C 379 -4.61 -21.10 -5.17
N PHE C 380 -3.54 -20.30 -5.17
CA PHE C 380 -2.96 -19.85 -6.42
C PHE C 380 -2.44 -21.03 -7.24
N GLY C 381 -1.61 -21.87 -6.63
CA GLY C 381 -1.10 -23.03 -7.34
C GLY C 381 -2.19 -24.00 -7.72
N LEU C 382 -3.09 -24.29 -6.80
CA LEU C 382 -4.18 -25.23 -7.10
C LEU C 382 -5.02 -24.73 -8.27
N GLU C 383 -5.46 -23.48 -8.20
CA GLU C 383 -6.41 -22.98 -9.19
C GLU C 383 -5.76 -22.62 -10.53
N VAL C 384 -4.44 -22.52 -10.60
CA VAL C 384 -3.81 -22.50 -11.91
C VAL C 384 -3.68 -23.91 -12.45
N ALA C 385 -3.35 -24.87 -11.58
CA ALA C 385 -3.24 -26.26 -12.01
C ALA C 385 -4.57 -26.78 -12.55
N MET C 386 -5.69 -26.34 -11.98
CA MET C 386 -6.99 -26.74 -12.54
C MET C 386 -7.15 -26.23 -13.95
N ASP C 387 -6.69 -25.00 -14.21
CA ASP C 387 -6.80 -24.43 -15.54
C ASP C 387 -5.94 -25.22 -16.52
N GLU C 388 -4.74 -25.65 -16.10
CA GLU C 388 -3.91 -26.46 -16.99
C GLU C 388 -4.53 -27.82 -17.23
N LEU C 389 -5.10 -28.42 -16.19
CA LEU C 389 -5.82 -29.67 -16.37
C LEU C 389 -7.01 -29.49 -17.31
N ALA C 390 -7.64 -28.33 -17.26
CA ALA C 390 -8.80 -28.09 -18.12
C ALA C 390 -8.38 -27.95 -19.58
N TYR C 391 -7.23 -27.32 -19.82
CA TYR C 391 -6.76 -27.21 -21.19
C TYR C 391 -6.10 -28.49 -21.68
N ALA C 392 -5.66 -29.36 -20.78
CA ALA C 392 -5.11 -30.63 -21.23
C ALA C 392 -6.22 -31.55 -21.72
N LEU C 393 -7.39 -31.49 -21.08
CA LEU C 393 -8.53 -32.29 -21.47
C LEU C 393 -9.53 -31.54 -22.34
N ASP C 394 -9.29 -30.25 -22.61
CA ASP C 394 -10.22 -29.40 -23.35
C ASP C 394 -11.61 -29.45 -22.73
N ILE C 395 -11.64 -29.21 -21.42
CA ILE C 395 -12.87 -29.01 -20.67
C ILE C 395 -12.93 -27.55 -20.26
N ASP C 396 -14.10 -26.95 -20.35
CA ASP C 396 -14.26 -25.57 -19.89
C ASP C 396 -13.88 -25.50 -18.40
N PRO C 397 -13.08 -24.51 -18.00
CA PRO C 397 -12.58 -24.50 -16.61
C PRO C 397 -13.67 -24.55 -15.56
N LEU C 398 -14.77 -23.82 -15.78
CA LEU C 398 -15.89 -23.88 -14.85
C LEU C 398 -16.47 -25.29 -14.79
N GLU C 399 -16.74 -25.87 -15.97
CA GLU C 399 -17.25 -27.23 -16.04
C GLU C 399 -16.35 -28.21 -15.29
N LEU C 400 -15.03 -27.97 -15.31
CA LEU C 400 -14.11 -28.86 -14.61
C LEU C 400 -14.27 -28.75 -13.09
N ARG C 401 -14.50 -27.53 -12.59
CA ARG C 401 -14.70 -27.38 -11.15
C ARG C 401 -15.97 -28.11 -10.70
N LEU C 402 -16.98 -28.19 -11.58
CA LEU C 402 -18.21 -28.88 -11.22
C LEU C 402 -18.04 -30.40 -11.24
N ARG C 403 -17.25 -30.91 -12.18
CA ARG C 403 -17.03 -32.35 -12.23
C ARG C 403 -16.23 -32.84 -11.02
N ASN C 404 -15.47 -31.96 -10.40
CA ASN C 404 -14.72 -32.25 -9.18
C ASN C 404 -15.45 -31.83 -7.90
N TRP C 405 -16.72 -31.41 -8.00
CA TRP C 405 -17.43 -30.89 -6.84
C TRP C 405 -17.37 -31.85 -5.66
N ALA C 406 -17.13 -31.29 -4.48
CA ALA C 406 -17.03 -32.05 -3.23
C ALA C 406 -18.28 -31.81 -2.41
N ASP C 407 -19.13 -32.84 -2.30
CA ASP C 407 -20.34 -32.70 -1.51
C ASP C 407 -20.07 -32.74 -0.03
N LYS C 408 -18.84 -33.02 0.38
CA LYS C 408 -18.42 -32.92 1.77
C LYS C 408 -16.96 -32.49 1.78
N ASP C 409 -16.41 -32.32 2.97
CA ASP C 409 -14.98 -32.03 3.09
C ASP C 409 -14.23 -33.36 3.05
N TYR C 410 -13.43 -33.56 2.01
CA TYR C 410 -12.70 -34.81 1.86
C TYR C 410 -11.44 -34.86 2.72
N GLN C 411 -10.94 -33.72 3.16
CA GLN C 411 -9.78 -33.68 4.03
C GLN C 411 -10.14 -34.07 5.45
N LEU C 412 -11.22 -33.49 5.98
CA LEU C 412 -11.64 -33.77 7.34
C LEU C 412 -12.69 -34.88 7.43
N ASP C 413 -13.21 -35.35 6.31
CA ASP C 413 -14.37 -36.24 6.28
C ASP C 413 -15.46 -35.72 7.20
N LEU C 414 -15.98 -34.55 6.84
CA LEU C 414 -17.04 -33.88 7.57
C LEU C 414 -17.98 -33.25 6.57
N PRO C 415 -19.26 -33.13 6.90
CA PRO C 415 -20.17 -32.40 6.02
C PRO C 415 -19.93 -30.89 6.12
N TRP C 416 -20.15 -30.20 5.01
CA TRP C 416 -20.09 -28.75 5.03
C TRP C 416 -21.18 -28.22 5.94
N SER C 417 -20.87 -27.16 6.70
CA SER C 417 -21.92 -26.48 7.43
C SER C 417 -22.85 -25.76 6.46
N THR C 418 -22.31 -24.85 5.67
CA THR C 418 -22.98 -24.28 4.50
C THR C 418 -21.91 -24.06 3.46
N ARG C 419 -22.20 -24.41 2.21
CA ARG C 419 -21.32 -24.04 1.12
C ARG C 419 -22.14 -23.69 -0.11
N ARG C 420 -22.11 -22.42 -0.51
CA ARG C 420 -22.88 -21.90 -1.63
C ARG C 420 -22.05 -21.83 -2.91
N LEU C 421 -20.89 -22.49 -2.93
CA LEU C 421 -19.95 -22.36 -4.02
C LEU C 421 -20.59 -22.59 -5.38
N LYS C 422 -21.50 -23.57 -5.48
CA LYS C 422 -22.17 -23.79 -6.75
C LYS C 422 -22.94 -22.54 -7.19
N GLU C 423 -23.71 -21.95 -6.27
CA GLU C 423 -24.41 -20.72 -6.59
C GLU C 423 -23.43 -19.59 -6.88
N ALA C 424 -22.25 -19.63 -6.26
CA ALA C 424 -21.22 -18.66 -6.60
C ALA C 424 -20.76 -18.85 -8.04
N TYR C 425 -20.54 -20.10 -8.46
CA TYR C 425 -20.17 -20.36 -9.85
C TYR C 425 -21.25 -19.83 -10.79
N GLN C 426 -22.51 -20.14 -10.51
CA GLN C 426 -23.57 -19.84 -11.46
C GLN C 426 -23.85 -18.35 -11.53
N LYS C 427 -24.01 -17.71 -10.37
CA LYS C 427 -24.29 -16.27 -10.38
C LYS C 427 -23.10 -15.48 -10.88
N GLY C 428 -21.89 -15.96 -10.63
CA GLY C 428 -20.72 -15.27 -11.15
C GLY C 428 -20.59 -15.45 -12.65
N ALA C 429 -20.79 -16.68 -13.13
CA ALA C 429 -20.71 -16.90 -14.57
C ALA C 429 -21.77 -16.08 -15.31
N GLU C 430 -22.99 -16.03 -14.79
CA GLU C 430 -24.04 -15.27 -15.43
C GLU C 430 -23.64 -13.80 -15.59
N ALA C 431 -23.30 -13.16 -14.48
CA ALA C 431 -22.99 -11.73 -14.53
C ALA C 431 -21.78 -11.46 -15.41
N PHE C 432 -20.83 -12.38 -15.46
CA PHE C 432 -19.62 -12.16 -16.22
C PHE C 432 -19.80 -12.45 -17.70
N GLY C 433 -20.81 -13.22 -18.08
CA GLY C 433 -20.96 -13.65 -19.46
C GLY C 433 -20.07 -14.81 -19.83
N TRP C 434 -19.71 -15.65 -18.85
CA TRP C 434 -18.77 -16.75 -19.07
C TRP C 434 -19.25 -17.75 -20.11
N ASP C 435 -20.56 -17.82 -20.36
CA ASP C 435 -21.10 -18.76 -21.33
C ASP C 435 -20.64 -18.48 -22.75
N LYS C 436 -20.25 -17.24 -23.05
CA LYS C 436 -19.80 -16.84 -24.38
C LYS C 436 -18.30 -17.01 -24.59
N ARG C 437 -17.60 -17.64 -23.64
CA ARG C 437 -16.15 -17.78 -23.74
C ARG C 437 -15.77 -18.72 -24.87
N ILE C 438 -14.84 -18.30 -25.71
CA ILE C 438 -14.21 -19.16 -26.71
C ILE C 438 -12.96 -19.77 -26.09
N MET C 439 -12.87 -21.09 -26.11
CA MET C 439 -11.88 -21.78 -25.29
C MET C 439 -10.46 -21.52 -25.76
N THR C 440 -10.26 -21.39 -27.06
CA THR C 440 -8.92 -21.32 -27.62
C THR C 440 -8.21 -20.05 -27.16
N PRO C 441 -6.99 -20.14 -26.62
CA PRO C 441 -6.26 -18.93 -26.26
C PRO C 441 -6.02 -18.05 -27.48
N ARG C 442 -5.99 -16.74 -27.24
CA ARG C 442 -5.80 -15.68 -28.24
C ARG C 442 -7.01 -15.51 -29.16
N SER C 443 -8.07 -16.31 -28.99
CA SER C 443 -9.21 -16.21 -29.88
C SER C 443 -9.96 -14.89 -29.73
N MET C 444 -10.01 -14.33 -28.52
CA MET C 444 -10.76 -13.11 -28.27
C MET C 444 -9.81 -11.93 -28.27
N ARG C 445 -10.06 -10.98 -29.16
CA ARG C 445 -9.19 -9.81 -29.34
C ARG C 445 -10.05 -8.60 -29.68
N GLU C 446 -9.59 -7.43 -29.27
CA GLU C 446 -10.25 -6.19 -29.66
C GLU C 446 -9.19 -5.15 -29.95
N GLY C 447 -9.19 -4.61 -31.17
CA GLY C 447 -8.18 -3.64 -31.54
C GLY C 447 -6.80 -4.23 -31.39
N ARG C 448 -5.95 -3.54 -30.63
CA ARG C 448 -4.59 -3.99 -30.36
C ARG C 448 -4.47 -4.77 -29.06
N GLU C 449 -5.58 -5.09 -28.40
CA GLU C 449 -5.55 -5.76 -27.11
C GLU C 449 -6.01 -7.20 -27.28
N LEU C 450 -5.24 -8.12 -26.71
CA LEU C 450 -5.72 -9.49 -26.53
C LEU C 450 -6.62 -9.55 -25.31
N ILE C 451 -7.80 -10.13 -25.47
CA ILE C 451 -8.75 -10.29 -24.38
C ILE C 451 -8.56 -11.65 -23.75
N GLY C 452 -8.73 -11.75 -22.45
CA GLY C 452 -8.68 -13.05 -21.81
C GLY C 452 -9.61 -13.10 -20.62
N TRP C 453 -10.12 -14.29 -20.36
CA TRP C 453 -11.12 -14.56 -19.34
C TRP C 453 -10.61 -15.69 -18.49
N GLY C 454 -10.65 -15.53 -17.17
CA GLY C 454 -10.18 -16.56 -16.28
C GLY C 454 -11.05 -16.61 -15.05
N MET C 455 -10.95 -17.73 -14.34
CA MET C 455 -11.78 -17.97 -13.18
C MET C 455 -11.06 -18.89 -12.22
N ALA C 456 -11.41 -18.77 -10.94
CA ALA C 456 -10.81 -19.59 -9.90
C ALA C 456 -11.77 -19.69 -8.74
N SER C 457 -11.72 -20.82 -8.05
CA SER C 457 -12.42 -20.98 -6.79
C SER C 457 -11.63 -20.34 -5.65
N GLY C 458 -12.34 -19.94 -4.60
CA GLY C 458 -11.69 -19.40 -3.43
C GLY C 458 -12.41 -19.81 -2.17
N THR C 459 -11.70 -19.72 -1.04
CA THR C 459 -12.26 -20.12 0.24
C THR C 459 -11.48 -19.46 1.35
N TYR C 460 -12.11 -19.35 2.53
CA TYR C 460 -11.36 -19.08 3.77
C TYR C 460 -12.05 -19.74 4.95
N PRO C 461 -11.28 -20.27 5.91
CA PRO C 461 -11.90 -21.02 7.02
C PRO C 461 -12.52 -20.13 8.08
N VAL C 462 -13.49 -20.71 8.79
CA VAL C 462 -14.13 -20.05 9.92
C VAL C 462 -13.38 -20.45 11.19
N ASN C 463 -12.90 -19.45 11.92
CA ASN C 463 -12.31 -19.65 13.24
C ASN C 463 -13.18 -18.96 14.28
N ARG C 464 -13.12 -19.45 15.52
CA ARG C 464 -13.89 -18.84 16.61
C ARG C 464 -13.01 -18.72 17.85
N LEU C 465 -13.26 -17.66 18.62
CA LEU C 465 -12.63 -17.46 19.92
C LEU C 465 -13.63 -16.75 20.81
N PRO C 466 -13.66 -17.06 22.11
CA PRO C 466 -14.50 -16.28 23.03
C PRO C 466 -13.98 -14.87 23.19
N ALA C 467 -14.81 -14.03 23.82
CA ALA C 467 -14.51 -12.62 24.01
C ALA C 467 -15.58 -12.02 24.90
N GLU C 468 -15.29 -10.84 25.43
CA GLU C 468 -16.18 -10.17 26.37
C GLU C 468 -16.39 -8.73 25.94
N ALA C 469 -17.40 -8.11 26.54
CA ALA C 469 -17.71 -6.72 26.27
C ALA C 469 -18.48 -6.15 27.44
N LYS C 470 -18.53 -4.82 27.51
CA LYS C 470 -19.26 -4.12 28.53
C LYS C 470 -20.10 -3.04 27.87
N ILE C 471 -21.31 -2.82 28.40
CA ILE C 471 -22.19 -1.77 27.91
C ILE C 471 -22.60 -0.91 29.09
N ILE C 472 -22.60 0.40 28.89
CA ILE C 472 -22.85 1.35 29.96
C ILE C 472 -23.96 2.30 29.55
N LEU C 473 -24.92 2.52 30.44
CA LEU C 473 -25.90 3.59 30.27
C LEU C 473 -25.39 4.84 30.96
N THR C 474 -25.14 5.89 30.19
CA THR C 474 -24.61 7.12 30.75
C THR C 474 -25.71 7.89 31.46
N PRO C 475 -25.34 8.84 32.34
CA PRO C 475 -26.37 9.66 33.00
C PRO C 475 -27.26 10.41 32.03
N GLN C 476 -26.85 10.58 30.78
CA GLN C 476 -27.67 11.24 29.77
C GLN C 476 -28.61 10.27 29.07
N GLY C 477 -28.61 9.00 29.44
CA GLY C 477 -29.47 8.05 28.76
C GLY C 477 -28.90 7.50 27.47
N ARG C 478 -27.59 7.46 27.35
CA ARG C 478 -26.92 6.98 26.15
C ARG C 478 -26.14 5.70 26.44
N PHE C 479 -25.91 4.93 25.39
CA PHE C 479 -25.24 3.64 25.50
C PHE C 479 -23.81 3.74 24.97
N VAL C 480 -22.89 3.12 25.69
CA VAL C 480 -21.50 3.00 25.28
C VAL C 480 -21.13 1.53 25.30
N VAL C 481 -20.57 1.03 24.20
CA VAL C 481 -20.12 -0.35 24.10
C VAL C 481 -18.60 -0.38 24.19
N GLN C 482 -18.07 -1.25 25.06
CA GLN C 482 -16.63 -1.30 25.31
C GLN C 482 -16.11 -2.70 24.99
N CYS C 483 -15.09 -2.76 24.13
CA CYS C 483 -14.41 -4.01 23.85
C CYS C 483 -12.99 -3.70 23.42
N ALA C 484 -12.04 -4.58 23.77
CA ALA C 484 -10.66 -4.37 23.38
C ALA C 484 -10.38 -4.76 21.94
N GLY C 485 -11.35 -5.36 21.25
CA GLY C 485 -11.14 -5.72 19.86
C GLY C 485 -10.80 -4.51 19.01
N ALA C 486 -10.16 -4.79 17.88
CA ALA C 486 -9.62 -3.73 17.02
C ALA C 486 -10.52 -3.50 15.83
N ASP C 487 -10.61 -2.24 15.39
CA ASP C 487 -11.16 -1.89 14.08
C ASP C 487 -10.00 -1.36 13.24
N ILE C 488 -9.52 -2.18 12.31
CA ILE C 488 -8.32 -1.91 11.52
C ILE C 488 -8.76 -1.35 10.18
N GLY C 489 -10.02 -0.97 10.10
CA GLY C 489 -10.69 -0.65 8.85
C GLY C 489 -11.70 -1.68 8.46
N THR C 490 -11.91 -2.70 9.28
CA THR C 490 -12.85 -3.76 8.99
C THR C 490 -14.29 -3.36 9.27
N GLY C 491 -14.51 -2.41 10.18
CA GLY C 491 -15.84 -2.02 10.58
C GLY C 491 -16.29 -2.46 11.97
N THR C 492 -15.38 -2.99 12.79
CA THR C 492 -15.77 -3.43 14.11
C THR C 492 -16.53 -2.35 14.88
N TYR C 493 -16.14 -1.08 14.71
CA TYR C 493 -16.87 -0.01 15.39
C TYR C 493 -18.34 -0.03 15.03
N THR C 494 -18.65 -0.32 13.77
CA THR C 494 -20.02 -0.23 13.27
C THR C 494 -20.84 -1.46 13.64
N ILE C 495 -20.31 -2.67 13.41
CA ILE C 495 -21.13 -3.85 13.62
C ILE C 495 -21.40 -4.11 15.10
N LEU C 496 -20.51 -3.67 15.98
CA LEU C 496 -20.79 -3.85 17.41
C LEU C 496 -21.89 -2.91 17.88
N ALA C 497 -22.02 -1.73 17.25
CA ALA C 497 -23.13 -0.87 17.57
C ALA C 497 -24.45 -1.38 16.98
N GLN C 498 -24.39 -2.02 15.81
CA GLN C 498 -25.60 -2.61 15.25
C GLN C 498 -26.09 -3.78 16.10
N THR C 499 -25.17 -4.58 16.63
CA THR C 499 -25.56 -5.73 17.43
C THR C 499 -26.31 -5.30 18.67
N ALA C 500 -25.77 -4.31 19.40
CA ALA C 500 -26.41 -3.85 20.62
C ALA C 500 -27.75 -3.17 20.34
N ALA C 501 -27.85 -2.49 19.21
CA ALA C 501 -29.08 -1.77 18.91
C ALA C 501 -30.28 -2.71 18.81
N ASP C 502 -30.05 -3.96 18.42
CA ASP C 502 -31.16 -4.89 18.27
C ASP C 502 -31.91 -5.10 19.58
N HIS C 503 -31.21 -5.06 20.71
CA HIS C 503 -31.85 -5.28 21.99
C HIS C 503 -32.11 -4.04 22.81
N LEU C 504 -31.59 -2.88 22.41
CA LEU C 504 -31.67 -1.68 23.24
C LEU C 504 -32.74 -0.70 22.82
N GLY C 505 -33.44 -0.94 21.72
CA GLY C 505 -34.51 -0.05 21.31
C GLY C 505 -34.08 1.33 20.88
N VAL C 506 -32.83 1.50 20.47
CA VAL C 506 -32.36 2.78 19.92
C VAL C 506 -31.70 2.51 18.58
N GLY C 507 -31.51 3.58 17.81
CA GLY C 507 -30.75 3.45 16.58
C GLY C 507 -29.28 3.25 16.87
N SER C 508 -28.65 2.39 16.08
CA SER C 508 -27.25 2.06 16.33
C SER C 508 -26.34 3.27 16.10
N GLU C 509 -26.78 4.24 15.30
CA GLU C 509 -25.95 5.43 15.11
C GLU C 509 -25.87 6.28 16.37
N THR C 510 -26.75 6.08 17.33
CA THR C 510 -26.65 6.76 18.61
C THR C 510 -25.78 6.02 19.60
N ILE C 511 -25.39 4.80 19.31
CA ILE C 511 -24.59 4.01 20.23
C ILE C 511 -23.12 4.26 19.95
N GLU C 512 -22.38 4.65 20.99
CA GLU C 512 -20.96 4.89 20.88
C GLU C 512 -20.19 3.64 21.26
N VAL C 513 -19.12 3.35 20.51
CA VAL C 513 -18.31 2.15 20.73
C VAL C 513 -16.88 2.57 20.98
N GLU C 514 -16.28 2.02 22.04
CA GLU C 514 -14.88 2.25 22.39
C GLU C 514 -14.10 0.96 22.20
N LEU C 515 -12.98 1.04 21.48
CA LEU C 515 -12.28 -0.15 21.04
C LEU C 515 -10.78 0.04 21.21
N GLY C 516 -10.04 -1.06 21.06
CA GLY C 516 -8.60 -1.05 20.88
C GLY C 516 -7.78 -0.53 22.05
N ASP C 517 -8.09 -0.99 23.26
CA ASP C 517 -7.37 -0.56 24.45
C ASP C 517 -7.36 -1.71 25.45
N THR C 518 -6.21 -1.93 26.09
CA THR C 518 -6.13 -3.04 27.02
C THR C 518 -6.89 -2.78 28.31
N ALA C 519 -7.38 -1.56 28.51
CA ALA C 519 -8.26 -1.28 29.63
C ALA C 519 -9.70 -1.73 29.38
N LEU C 520 -10.02 -2.20 28.18
CA LEU C 520 -11.37 -2.59 27.80
C LEU C 520 -11.53 -4.09 27.95
N PRO C 521 -12.75 -4.63 27.78
CA PRO C 521 -12.97 -6.06 28.04
C PRO C 521 -12.23 -6.94 27.05
N ARG C 522 -12.02 -8.19 27.47
CA ARG C 522 -11.13 -9.12 26.77
C ARG C 522 -11.55 -9.31 25.32
N ALA C 523 -10.56 -9.38 24.44
CA ALA C 523 -10.82 -9.68 23.03
C ALA C 523 -9.60 -10.34 22.44
N GLY C 524 -9.82 -11.24 21.48
CA GLY C 524 -8.74 -11.95 20.82
C GLY C 524 -8.21 -11.19 19.62
N VAL C 525 -7.38 -11.89 18.84
CA VAL C 525 -6.74 -11.27 17.70
C VAL C 525 -7.78 -10.93 16.63
N ALA C 526 -7.48 -9.92 15.82
CA ALA C 526 -8.18 -9.74 14.55
C ALA C 526 -7.23 -10.33 13.53
N GLY C 527 -7.51 -11.57 13.15
CA GLY C 527 -6.66 -12.38 12.30
C GLY C 527 -7.39 -13.67 12.02
N GLY C 528 -7.12 -14.32 10.90
CA GLY C 528 -7.95 -15.43 10.51
C GLY C 528 -9.39 -15.06 10.27
N SER C 529 -9.68 -13.77 10.07
CA SER C 529 -11.02 -13.30 9.68
C SER C 529 -12.09 -13.79 10.64
N GLN C 530 -11.76 -13.92 11.92
CA GLN C 530 -12.71 -14.44 12.90
C GLN C 530 -13.35 -13.40 13.79
N LEU C 531 -12.89 -12.14 13.78
CA LEU C 531 -13.20 -11.28 14.92
C LEU C 531 -14.59 -10.68 14.86
N ALA C 532 -15.14 -10.51 13.65
CA ALA C 532 -16.50 -10.00 13.58
C ALA C 532 -17.48 -10.95 14.25
N GLY C 533 -17.33 -12.25 14.02
CA GLY C 533 -18.23 -13.19 14.65
C GLY C 533 -18.00 -13.32 16.14
N ASN C 534 -16.73 -13.26 16.56
CA ASN C 534 -16.41 -13.40 17.98
C ASN C 534 -16.94 -12.23 18.79
N LEU C 535 -16.83 -11.00 18.25
CA LEU C 535 -17.26 -9.84 19.02
C LEU C 535 -18.76 -9.60 18.92
N THR C 536 -19.37 -9.82 17.74
CA THR C 536 -20.82 -9.70 17.67
C THR C 536 -21.49 -10.65 18.63
N ALA C 537 -20.95 -11.86 18.77
CA ALA C 537 -21.48 -12.77 19.78
C ALA C 537 -21.32 -12.20 21.18
N ALA C 538 -20.16 -11.65 21.50
CA ALA C 538 -19.93 -11.15 22.85
C ALA C 538 -20.81 -9.95 23.17
N VAL C 539 -21.01 -9.08 22.19
CA VAL C 539 -21.86 -7.92 22.44
C VAL C 539 -23.33 -8.31 22.44
N ASN C 540 -23.72 -9.32 21.66
CA ASN C 540 -25.12 -9.71 21.65
C ASN C 540 -25.54 -10.25 23.00
N ASP C 541 -24.65 -10.97 23.67
CA ASP C 541 -24.94 -11.43 25.02
C ASP C 541 -24.96 -10.27 26.00
N THR C 542 -23.95 -9.38 25.93
CA THR C 542 -23.92 -8.25 26.84
C THR C 542 -25.14 -7.37 26.66
N ALA C 543 -25.60 -7.20 25.42
CA ALA C 543 -26.73 -6.31 25.17
C ALA C 543 -28.03 -6.93 25.67
N LYS C 544 -28.18 -8.24 25.49
CA LYS C 544 -29.32 -8.92 26.09
C LYS C 544 -29.32 -8.73 27.59
N LYS C 545 -28.15 -8.90 28.22
CA LYS C 545 -28.04 -8.70 29.66
C LYS C 545 -28.31 -7.25 30.02
N MET C 546 -27.93 -6.30 29.15
CA MET C 546 -28.25 -4.90 29.43
C MET C 546 -29.76 -4.66 29.34
N ARG C 547 -30.43 -5.28 28.37
CA ARG C 547 -31.88 -5.13 28.30
C ARG C 547 -32.54 -5.62 29.58
N GLU C 548 -32.14 -6.81 30.04
CA GLU C 548 -32.73 -7.38 31.24
C GLU C 548 -32.44 -6.50 32.46
N ARG C 549 -31.27 -5.91 32.53
CA ARG C 549 -30.95 -5.04 33.66
C ARG C 549 -31.86 -3.83 33.69
N LEU C 550 -32.01 -3.16 32.54
CA LEU C 550 -32.78 -1.92 32.50
C LEU C 550 -34.24 -2.16 32.86
N LEU C 551 -34.85 -3.18 32.27
CA LEU C 551 -36.25 -3.49 32.60
C LEU C 551 -36.41 -3.83 34.08
N ALA C 552 -35.46 -4.60 34.63
CA ALA C 552 -35.52 -4.94 36.05
C ALA C 552 -35.41 -3.69 36.91
N LEU C 553 -34.49 -2.78 36.56
CA LEU C 553 -34.38 -1.54 37.32
C LEU C 553 -35.68 -0.75 37.29
N ALA C 554 -36.32 -0.66 36.11
CA ALA C 554 -37.56 0.08 36.02
C ALA C 554 -38.62 -0.52 36.94
N SER C 555 -38.65 -1.85 37.05
CA SER C 555 -39.60 -2.52 37.92
C SER C 555 -39.15 -2.63 39.37
N GLU C 556 -37.84 -2.60 39.65
CA GLU C 556 -37.38 -2.76 41.02
C GLU C 556 -37.08 -1.44 41.74
N LEU C 557 -36.98 -0.32 41.04
CA LEU C 557 -36.62 0.94 41.69
C LEU C 557 -37.88 1.62 42.20
N PRO C 558 -38.05 1.79 43.50
CA PRO C 558 -39.32 2.28 44.03
C PRO C 558 -39.68 3.68 43.56
N ALA C 559 -38.71 4.51 43.18
CA ALA C 559 -39.01 5.83 42.69
C ALA C 559 -39.38 5.85 41.21
N SER C 560 -39.35 4.70 40.54
CA SER C 560 -39.65 4.63 39.13
C SER C 560 -41.17 4.66 38.90
N PRO C 561 -41.65 5.40 37.91
CA PRO C 561 -43.09 5.37 37.60
C PRO C 561 -43.58 3.97 37.24
N LEU C 562 -42.68 3.06 36.89
CA LEU C 562 -42.98 1.66 36.62
C LEU C 562 -42.81 0.78 37.86
N SER C 563 -42.68 1.40 39.03
CA SER C 563 -42.16 0.80 40.26
C SER C 563 -42.61 -0.62 40.58
N GLY C 564 -43.85 -0.97 40.29
CA GLY C 564 -44.30 -2.31 40.63
C GLY C 564 -44.56 -3.31 39.51
N LEU C 565 -44.37 -2.90 38.27
CA LEU C 565 -44.98 -3.60 37.16
C LEU C 565 -44.14 -4.78 36.67
N PRO C 566 -44.76 -5.75 35.98
CA PRO C 566 -44.00 -6.91 35.51
C PRO C 566 -43.13 -6.57 34.31
N VAL C 567 -41.96 -7.23 34.26
CA VAL C 567 -41.01 -6.99 33.19
C VAL C 567 -41.52 -7.54 31.86
N SER C 568 -42.32 -8.60 31.90
CA SER C 568 -42.81 -9.20 30.66
C SER C 568 -43.63 -8.22 29.84
N GLN C 569 -44.25 -7.24 30.49
CA GLN C 569 -45.07 -6.24 29.80
C GLN C 569 -44.32 -4.96 29.51
N PHE C 570 -43.02 -4.91 29.80
CA PHE C 570 -42.18 -3.79 29.44
C PHE C 570 -41.61 -3.99 28.04
N THR C 571 -41.46 -2.89 27.30
CA THR C 571 -40.69 -2.88 26.08
C THR C 571 -39.69 -1.75 26.13
N LEU C 572 -38.60 -1.92 25.38
CA LEU C 572 -37.53 -0.93 25.30
C LEU C 572 -37.60 -0.30 23.91
N GLN C 573 -38.06 0.95 23.85
CA GLN C 573 -38.30 1.56 22.55
C GLN C 573 -37.95 3.04 22.59
N ASP C 574 -37.15 3.47 21.61
CA ASP C 574 -36.92 4.89 21.33
C ASP C 574 -36.37 5.62 22.55
N GLY C 575 -35.42 5.01 23.23
CA GLY C 575 -34.79 5.66 24.37
C GLY C 575 -35.66 5.75 25.60
N ALA C 576 -36.58 4.81 25.77
CA ALA C 576 -37.45 4.83 26.93
C ALA C 576 -37.95 3.42 27.19
N ILE C 577 -38.36 3.17 28.43
CA ILE C 577 -39.04 1.94 28.82
C ILE C 577 -40.51 2.28 28.98
N GLN C 578 -41.37 1.55 28.27
CA GLN C 578 -42.80 1.85 28.26
C GLN C 578 -43.59 0.60 28.59
N HIS C 579 -44.46 0.72 29.59
CA HIS C 579 -45.38 -0.36 29.94
C HIS C 579 -46.47 -0.45 28.88
N SER C 580 -46.89 -1.69 28.57
CA SER C 580 -47.99 -1.85 27.63
C SER C 580 -49.29 -1.21 28.12
N GLY C 581 -49.38 -0.88 29.41
CA GLY C 581 -50.50 -0.10 29.91
C GLY C 581 -50.46 1.37 29.52
N GLY C 582 -49.38 1.81 28.88
CA GLY C 582 -49.27 3.16 28.35
C GLY C 582 -48.36 4.08 29.14
N SER C 583 -48.07 3.79 30.40
CA SER C 583 -47.12 4.62 31.13
C SER C 583 -45.71 4.33 30.64
N GLY C 584 -44.81 5.27 30.89
CA GLY C 584 -43.47 5.18 30.33
C GLY C 584 -42.41 5.85 31.19
N LEU C 585 -41.17 5.46 30.93
CA LEU C 585 -40.01 5.98 31.64
C LEU C 585 -38.86 6.13 30.65
N SER C 586 -38.27 7.32 30.58
CA SER C 586 -37.18 7.57 29.64
C SER C 586 -35.88 6.99 30.17
N LEU C 587 -34.96 6.72 29.24
CA LEU C 587 -33.67 6.13 29.62
C LEU C 587 -32.86 7.08 30.51
N ALA C 588 -32.92 8.38 30.24
CA ALA C 588 -32.19 9.32 31.09
C ALA C 588 -32.82 9.43 32.46
N GLN C 589 -34.15 9.29 32.55
CA GLN C 589 -34.78 9.31 33.87
C GLN C 589 -34.40 8.08 34.67
N LEU C 590 -34.32 6.92 34.02
CA LEU C 590 -33.90 5.71 34.73
C LEU C 590 -32.46 5.84 35.21
N ALA C 591 -31.61 6.51 34.43
CA ALA C 591 -30.23 6.73 34.86
C ALA C 591 -30.18 7.56 36.13
N THR C 592 -31.06 8.55 36.24
CA THR C 592 -31.10 9.36 37.46
C THR C 592 -31.54 8.54 38.67
N LEU C 593 -32.46 7.60 38.46
CA LEU C 593 -32.98 6.80 39.57
C LEU C 593 -32.09 5.62 39.92
N ALA C 594 -31.05 5.35 39.15
CA ALA C 594 -30.37 4.10 39.37
C ALA C 594 -28.96 4.34 39.91
N PRO C 595 -28.42 3.41 40.68
CA PRO C 595 -27.04 3.53 41.11
C PRO C 595 -26.11 3.38 39.92
N PRO C 596 -25.07 4.21 39.83
CA PRO C 596 -24.17 4.14 38.68
C PRO C 596 -23.60 2.76 38.40
N ASP C 597 -23.35 1.95 39.43
CA ASP C 597 -22.75 0.63 39.18
C ASP C 597 -23.73 -0.32 38.52
N SER C 598 -25.03 -0.15 38.78
CA SER C 598 -26.02 -1.01 38.14
C SER C 598 -26.23 -0.65 36.67
N LEU C 599 -25.69 0.48 36.22
CA LEU C 599 -25.81 0.91 34.84
C LEU C 599 -24.68 0.38 33.96
N SER C 600 -23.82 -0.47 34.50
CA SER C 600 -22.74 -1.08 33.76
C SER C 600 -22.94 -2.60 33.77
N VAL C 601 -23.01 -3.20 32.59
CA VAL C 601 -23.31 -4.61 32.43
C VAL C 601 -22.18 -5.27 31.64
N LYS C 602 -21.74 -6.44 32.10
CA LYS C 602 -20.70 -7.21 31.44
C LYS C 602 -21.28 -8.49 30.84
N GLY C 603 -20.77 -8.90 29.69
CA GLY C 603 -21.19 -10.13 29.06
C GLY C 603 -20.07 -10.66 28.20
N GLY C 604 -20.33 -11.78 27.55
CA GLY C 604 -19.33 -12.40 26.72
C GLY C 604 -19.60 -13.87 26.54
N THR C 605 -18.78 -14.48 25.67
CA THR C 605 -18.95 -15.86 25.25
C THR C 605 -18.04 -16.84 25.98
N PHE C 606 -17.28 -16.39 26.97
CA PHE C 606 -16.56 -17.35 27.80
C PHE C 606 -17.56 -18.17 28.61
N PRO C 607 -17.22 -19.41 28.96
CA PRO C 607 -18.07 -20.18 29.88
C PRO C 607 -18.25 -19.44 31.20
N ASP C 608 -19.50 -19.39 31.67
CA ASP C 608 -19.81 -18.59 32.86
C ASP C 608 -18.97 -19.02 34.06
N ASP C 609 -18.53 -20.27 34.09
CA ASP C 609 -17.77 -20.80 35.22
C ASP C 609 -16.26 -20.73 35.01
N MET C 610 -15.78 -20.24 33.87
CA MET C 610 -14.35 -20.25 33.61
C MET C 610 -13.65 -19.22 34.49
N PRO C 611 -12.59 -19.60 35.21
CA PRO C 611 -11.89 -18.63 36.05
C PRO C 611 -11.23 -17.54 35.23
N GLN C 612 -11.09 -16.37 35.87
CA GLN C 612 -10.65 -15.19 35.12
C GLN C 612 -9.24 -15.36 34.55
N SER C 613 -8.37 -16.09 35.26
CA SER C 613 -7.00 -16.25 34.77
C SER C 613 -6.96 -16.99 33.44
N GLU C 614 -7.86 -17.96 33.25
CA GLU C 614 -7.89 -18.68 31.99
C GLU C 614 -8.49 -17.83 30.87
N ARG C 615 -9.43 -16.95 31.21
CA ARG C 615 -9.96 -16.03 30.21
C ARG C 615 -8.86 -15.08 29.72
N ASP C 616 -7.98 -14.65 30.63
CA ASP C 616 -6.82 -13.89 30.20
C ASP C 616 -5.95 -14.70 29.26
N LYS C 617 -5.60 -15.93 29.66
CA LYS C 617 -4.67 -16.74 28.87
C LYS C 617 -5.22 -17.00 27.47
N ILE C 618 -6.52 -17.28 27.37
CA ILE C 618 -7.10 -17.63 26.07
C ILE C 618 -6.94 -16.50 25.07
N VAL C 619 -7.27 -15.27 25.47
CA VAL C 619 -7.13 -14.14 24.55
C VAL C 619 -5.69 -13.64 24.45
N ARG C 620 -4.79 -14.14 25.29
CA ARG C 620 -3.40 -13.70 25.24
C ARG C 620 -2.51 -14.60 24.42
N ASN C 621 -3.06 -15.63 23.78
CA ASN C 621 -2.30 -16.40 22.82
C ASN C 621 -3.19 -16.67 21.62
N LEU C 622 -2.61 -17.29 20.60
CA LEU C 622 -3.31 -17.58 19.35
C LEU C 622 -3.76 -19.02 19.19
N ASN C 623 -3.46 -19.91 20.13
CA ASN C 623 -3.62 -21.35 19.90
C ASN C 623 -4.91 -21.93 20.45
N ASP C 624 -5.78 -21.13 21.04
CA ASP C 624 -7.03 -21.62 21.60
C ASP C 624 -8.23 -21.41 20.69
N MET C 625 -8.02 -20.92 19.47
CA MET C 625 -9.12 -20.80 18.51
C MET C 625 -9.72 -22.17 18.24
N SER C 626 -11.02 -22.20 17.98
CA SER C 626 -11.73 -23.44 17.73
C SER C 626 -12.38 -23.40 16.36
N ARG C 627 -12.73 -24.58 15.86
CA ARG C 627 -13.54 -24.77 14.68
C ARG C 627 -14.62 -25.78 15.01
N PRO C 628 -15.74 -25.76 14.29
CA PRO C 628 -16.82 -26.70 14.61
C PRO C 628 -16.35 -28.14 14.45
N GLU C 629 -16.62 -28.94 15.47
CA GLU C 629 -16.62 -30.38 15.27
C GLU C 629 -17.94 -30.80 14.64
N ALA C 630 -17.87 -31.82 13.79
CA ALA C 630 -18.98 -32.39 13.03
C ALA C 630 -19.31 -31.58 11.77
N PHE C 631 -18.77 -30.38 11.59
CA PHE C 631 -19.00 -29.61 10.37
C PHE C 631 -17.72 -28.94 9.94
N SER C 632 -17.55 -28.83 8.62
CA SER C 632 -16.45 -28.09 8.01
C SER C 632 -17.02 -26.75 7.56
N ALA C 633 -16.64 -25.68 8.25
CA ALA C 633 -17.23 -24.38 8.06
C ALA C 633 -16.21 -23.45 7.41
N HIS C 634 -16.53 -22.96 6.22
CA HIS C 634 -15.63 -22.09 5.49
C HIS C 634 -16.44 -21.13 4.63
N SER C 635 -15.85 -19.97 4.36
CA SER C 635 -16.38 -19.13 3.30
C SER C 635 -15.93 -19.64 1.93
N TRP C 636 -16.68 -19.30 0.88
CA TRP C 636 -16.37 -19.73 -0.47
C TRP C 636 -16.58 -18.58 -1.44
N SER C 637 -15.98 -18.69 -2.62
CA SER C 637 -16.09 -17.61 -3.59
C SER C 637 -15.82 -18.15 -4.98
N ALA C 638 -16.31 -17.42 -5.98
CA ALA C 638 -15.99 -17.67 -7.37
C ALA C 638 -15.51 -16.36 -7.97
N GLN C 639 -14.32 -16.37 -8.55
CA GLN C 639 -13.71 -15.16 -9.09
C GLN C 639 -13.65 -15.25 -10.60
N PHE C 640 -14.17 -14.23 -11.28
CA PHE C 640 -14.11 -14.13 -12.74
C PHE C 640 -13.43 -12.83 -13.12
N VAL C 641 -12.46 -12.90 -14.04
CA VAL C 641 -11.64 -11.75 -14.39
C VAL C 641 -11.53 -11.66 -15.91
N GLU C 642 -11.57 -10.42 -16.43
CA GLU C 642 -11.21 -10.13 -17.82
C GLU C 642 -9.98 -9.23 -17.84
N VAL C 643 -8.95 -9.63 -18.58
CA VAL C 643 -7.74 -8.82 -18.70
C VAL C 643 -7.60 -8.39 -20.15
N ARG C 644 -6.89 -7.29 -20.35
CA ARG C 644 -6.53 -6.79 -21.66
C ARG C 644 -5.01 -6.75 -21.74
N VAL C 645 -4.44 -7.57 -22.62
CA VAL C 645 -3.00 -7.62 -22.83
C VAL C 645 -2.67 -6.91 -24.13
N ASP C 646 -1.78 -5.92 -24.05
CA ASP C 646 -1.35 -5.23 -25.26
C ASP C 646 -0.49 -6.15 -26.11
N GLU C 647 -0.87 -6.31 -27.38
CA GLU C 647 -0.19 -7.29 -28.22
C GLU C 647 1.28 -6.92 -28.45
N ASP C 648 1.60 -5.63 -28.50
CA ASP C 648 3.00 -5.26 -28.69
C ASP C 648 3.77 -5.22 -27.39
N PHE C 649 3.19 -4.60 -26.35
CA PHE C 649 3.95 -4.28 -25.16
C PHE C 649 3.91 -5.36 -24.09
N GLY C 650 2.96 -6.30 -24.16
CA GLY C 650 2.85 -7.27 -23.09
C GLY C 650 2.32 -6.75 -21.77
N THR C 651 1.89 -5.50 -21.71
CA THR C 651 1.31 -4.96 -20.48
C THR C 651 -0.09 -5.49 -20.26
N ILE C 652 -0.49 -5.62 -19.00
CA ILE C 652 -1.73 -6.25 -18.62
C ILE C 652 -2.58 -5.28 -17.80
N ARG C 653 -3.87 -5.21 -18.13
CA ARG C 653 -4.82 -4.36 -17.42
C ARG C 653 -6.06 -5.18 -17.09
N VAL C 654 -6.60 -4.95 -15.89
CA VAL C 654 -7.77 -5.69 -15.44
C VAL C 654 -9.00 -4.89 -15.86
N LYS C 655 -9.74 -5.42 -16.83
CA LYS C 655 -10.91 -4.74 -17.39
C LYS C 655 -12.18 -4.99 -16.58
N ARG C 656 -12.42 -6.22 -16.15
CA ARG C 656 -13.66 -6.55 -15.45
C ARG C 656 -13.34 -7.57 -14.36
N MET C 657 -14.01 -7.43 -13.22
CA MET C 657 -13.93 -8.37 -12.11
C MET C 657 -15.33 -8.65 -11.62
N VAL C 658 -15.72 -9.92 -11.65
CA VAL C 658 -17.02 -10.36 -11.16
C VAL C 658 -16.76 -11.41 -10.10
N ALA C 659 -17.22 -11.17 -8.88
CA ALA C 659 -17.01 -12.11 -7.78
C ALA C 659 -18.34 -12.44 -7.13
N ALA C 660 -18.56 -13.72 -6.86
CA ALA C 660 -19.71 -14.18 -6.09
C ALA C 660 -19.18 -14.86 -4.85
N LEU C 661 -19.59 -14.39 -3.68
CA LEU C 661 -18.96 -14.80 -2.43
C LEU C 661 -20.00 -15.32 -1.45
N ASP C 662 -19.66 -16.43 -0.79
CA ASP C 662 -20.47 -16.95 0.30
C ASP C 662 -19.71 -16.67 1.58
N SER C 663 -20.10 -15.61 2.26
CA SER C 663 -19.62 -15.29 3.60
C SER C 663 -20.62 -15.64 4.68
N GLY C 664 -21.70 -16.34 4.33
CA GLY C 664 -22.75 -16.61 5.27
C GLY C 664 -23.61 -15.38 5.49
N ARG C 665 -24.02 -15.14 6.72
CA ARG C 665 -24.77 -13.95 7.02
C ARG C 665 -23.84 -12.74 7.02
N LEU C 666 -24.23 -11.68 6.32
CA LEU C 666 -23.44 -10.45 6.31
C LEU C 666 -23.91 -9.56 7.44
N TYR C 667 -22.99 -9.22 8.36
CA TYR C 667 -23.35 -8.33 9.45
C TYR C 667 -23.61 -6.90 8.95
N ASN C 668 -22.78 -6.41 8.04
CA ASN C 668 -22.99 -5.11 7.38
C ASN C 668 -22.67 -5.27 5.91
N PRO C 669 -23.67 -5.50 5.06
CA PRO C 669 -23.39 -5.77 3.64
C PRO C 669 -22.52 -4.73 2.96
N LYS C 670 -22.58 -3.47 3.39
CA LYS C 670 -21.77 -2.44 2.75
C LYS C 670 -20.31 -2.56 3.18
N LEU C 671 -20.07 -2.79 4.47
CA LEU C 671 -18.69 -3.00 4.92
C LEU C 671 -18.15 -4.33 4.45
N ALA C 672 -19.04 -5.31 4.22
CA ALA C 672 -18.58 -6.59 3.71
C ALA C 672 -18.07 -6.46 2.28
N ARG C 673 -18.80 -5.71 1.45
CA ARG C 673 -18.33 -5.49 0.09
C ARG C 673 -16.99 -4.78 0.08
N SER C 674 -16.84 -3.76 0.94
CA SER C 674 -15.56 -3.07 1.03
C SER C 674 -14.44 -4.04 1.40
N GLN C 675 -14.71 -4.98 2.29
CA GLN C 675 -13.72 -6.04 2.54
C GLN C 675 -13.51 -6.89 1.30
N TRP C 676 -14.60 -7.33 0.67
CA TRP C 676 -14.47 -8.18 -0.51
C TRP C 676 -13.61 -7.51 -1.58
N ILE C 677 -14.01 -6.30 -2.00
CA ILE C 677 -13.27 -5.65 -3.07
C ILE C 677 -11.89 -5.24 -2.60
N GLY C 678 -11.72 -5.00 -1.31
CA GLY C 678 -10.41 -4.72 -0.78
C GLY C 678 -9.46 -5.88 -0.97
N GLY C 679 -9.92 -7.09 -0.64
CA GLY C 679 -9.07 -8.26 -0.84
C GLY C 679 -8.78 -8.53 -2.30
N MET C 680 -9.77 -8.30 -3.16
CA MET C 680 -9.57 -8.53 -4.58
C MET C 680 -8.52 -7.58 -5.15
N ILE C 681 -8.58 -6.31 -4.77
CA ILE C 681 -7.59 -5.36 -5.26
C ILE C 681 -6.19 -5.75 -4.79
N MET C 682 -6.07 -6.18 -3.54
CA MET C 682 -4.77 -6.65 -3.08
C MET C 682 -4.32 -7.85 -3.91
N GLY C 683 -5.26 -8.72 -4.28
CA GLY C 683 -4.93 -9.83 -5.15
C GLY C 683 -4.53 -9.37 -6.54
N VAL C 684 -5.07 -8.24 -7.00
CA VAL C 684 -4.65 -7.72 -8.29
C VAL C 684 -3.19 -7.28 -8.22
N GLY C 685 -2.80 -6.58 -7.15
CA GLY C 685 -1.41 -6.23 -6.99
C GLY C 685 -0.52 -7.45 -6.90
N GLN C 686 -1.02 -8.50 -6.25
CA GLN C 686 -0.26 -9.73 -6.13
C GLN C 686 0.05 -10.33 -7.49
N ALA C 687 -0.94 -10.35 -8.38
CA ALA C 687 -0.75 -11.02 -9.66
C ALA C 687 0.07 -10.19 -10.63
N LEU C 688 -0.28 -8.91 -10.78
CA LEU C 688 0.30 -8.08 -11.81
C LEU C 688 1.63 -7.42 -11.44
N MET C 689 1.77 -6.92 -10.21
CA MET C 689 2.86 -5.98 -9.92
C MET C 689 3.72 -6.36 -8.72
N GLU C 690 3.13 -6.61 -7.55
CA GLU C 690 3.91 -6.73 -6.30
C GLU C 690 4.98 -7.81 -6.37
N GLU C 691 6.24 -7.39 -6.17
CA GLU C 691 7.36 -8.32 -6.07
C GLU C 691 8.44 -7.75 -5.18
N GLY C 692 8.95 -8.56 -4.23
CA GLY C 692 10.19 -8.21 -3.56
C GLY C 692 11.40 -8.50 -4.46
N ILE C 693 12.29 -7.53 -4.59
CA ILE C 693 13.47 -7.66 -5.44
C ILE C 693 14.70 -7.74 -4.54
N VAL C 694 15.40 -8.87 -4.59
CA VAL C 694 16.54 -9.13 -3.73
C VAL C 694 17.80 -9.16 -4.57
N ASP C 695 18.80 -8.40 -4.16
CA ASP C 695 20.10 -8.41 -4.84
C ASP C 695 20.85 -9.67 -4.42
N PRO C 696 21.22 -10.54 -5.36
CA PRO C 696 21.82 -11.83 -4.96
C PRO C 696 23.16 -11.68 -4.27
N ARG C 697 23.90 -10.60 -4.54
CA ARG C 697 25.22 -10.44 -3.94
C ARG C 697 25.12 -10.22 -2.44
N ASN C 698 24.37 -9.19 -2.04
CA ASN C 698 24.29 -8.78 -0.65
C ASN C 698 23.01 -9.23 0.07
N GLY C 699 22.06 -9.85 -0.61
CA GLY C 699 20.80 -10.18 0.04
C GLY C 699 19.97 -8.97 0.46
N ARG C 700 20.17 -7.82 -0.18
CA ARG C 700 19.41 -6.62 0.12
C ARG C 700 18.12 -6.60 -0.68
N VAL C 701 17.05 -6.12 -0.07
CA VAL C 701 15.81 -5.88 -0.80
C VAL C 701 15.90 -4.44 -1.29
N ILE C 702 16.18 -4.28 -2.58
CA ILE C 702 16.55 -2.97 -3.10
C ILE C 702 15.36 -2.17 -3.57
N ASN C 703 14.19 -2.78 -3.72
CA ASN C 703 12.96 -2.11 -4.08
C ASN C 703 12.16 -1.70 -2.86
N ASN C 704 12.79 -1.53 -1.71
CA ASN C 704 12.01 -1.29 -0.51
C ASN C 704 11.66 0.19 -0.49
N ASN C 705 10.45 0.49 -0.99
CA ASN C 705 9.86 1.82 -1.05
C ASN C 705 8.60 1.69 -1.88
N LEU C 706 7.69 2.65 -1.78
CA LEU C 706 6.43 2.53 -2.51
C LEU C 706 6.56 2.92 -3.97
N ALA C 707 7.71 3.43 -4.39
CA ALA C 707 7.93 3.67 -5.81
C ALA C 707 8.33 2.39 -6.53
N ASP C 708 9.28 1.63 -5.99
CA ASP C 708 9.74 0.41 -6.63
C ASP C 708 8.97 -0.85 -6.20
N TYR C 709 8.24 -0.82 -5.08
CA TYR C 709 7.33 -1.90 -4.73
C TYR C 709 5.92 -1.42 -5.07
N LEU C 710 5.37 -1.94 -6.15
CA LEU C 710 4.15 -1.39 -6.72
C LEU C 710 2.91 -2.02 -6.09
N VAL C 711 2.04 -1.19 -5.55
CA VAL C 711 0.73 -1.66 -5.10
C VAL C 711 -0.31 -1.07 -6.04
N PRO C 712 -1.49 -1.67 -6.19
CA PRO C 712 -2.44 -1.16 -7.18
C PRO C 712 -2.75 0.31 -6.96
N VAL C 713 -2.86 1.02 -8.07
CA VAL C 713 -3.22 2.42 -8.10
C VAL C 713 -4.66 2.51 -8.58
N ASN C 714 -5.37 3.57 -8.17
CA ASN C 714 -6.79 3.71 -8.51
C ASN C 714 -7.04 3.41 -10.00
N GLY C 715 -6.15 3.87 -10.88
CA GLY C 715 -6.31 3.61 -12.30
C GLY C 715 -6.13 2.16 -12.72
N ASP C 716 -5.61 1.31 -11.83
CA ASP C 716 -5.46 -0.09 -12.16
C ASP C 716 -6.75 -0.88 -12.00
N ILE C 717 -7.69 -0.37 -11.23
CA ILE C 717 -8.84 -1.15 -10.77
C ILE C 717 -10.08 -0.69 -11.54
N PRO C 718 -10.78 -1.60 -12.20
CA PRO C 718 -12.03 -1.20 -12.86
C PRO C 718 -13.20 -1.23 -11.90
N SER C 719 -14.42 -1.04 -12.41
CA SER C 719 -15.58 -1.31 -11.61
C SER C 719 -15.58 -2.79 -11.23
N ILE C 720 -15.96 -3.08 -9.99
CA ILE C 720 -15.92 -4.43 -9.46
C ILE C 720 -17.33 -4.83 -9.08
N THR C 721 -17.77 -5.98 -9.56
CA THR C 721 -19.08 -6.52 -9.21
C THR C 721 -18.89 -7.62 -8.17
N THR C 722 -19.58 -7.48 -7.05
CA THR C 722 -19.63 -8.53 -6.03
C THR C 722 -21.07 -8.97 -5.85
N ILE C 723 -21.27 -10.28 -5.77
CA ILE C 723 -22.59 -10.87 -5.61
C ILE C 723 -22.59 -11.68 -4.31
N ASN C 724 -23.60 -11.46 -3.47
CA ASN C 724 -23.71 -12.18 -2.21
C ASN C 724 -24.60 -13.39 -2.40
N VAL C 725 -24.00 -14.58 -2.35
CA VAL C 725 -24.74 -15.83 -2.44
C VAL C 725 -24.95 -16.50 -1.10
N GLY C 726 -24.48 -15.89 0.00
CA GLY C 726 -24.44 -16.59 1.26
C GLY C 726 -25.75 -16.57 2.03
N GLU C 727 -25.89 -17.56 2.92
CA GLU C 727 -27.02 -17.69 3.83
C GLU C 727 -26.51 -17.85 5.25
N PRO C 728 -27.29 -17.46 6.26
CA PRO C 728 -26.82 -17.56 7.64
C PRO C 728 -26.46 -18.99 8.01
N ASP C 729 -25.28 -19.15 8.61
CA ASP C 729 -24.78 -20.45 9.04
C ASP C 729 -24.56 -20.40 10.54
N PHE C 730 -25.42 -21.08 11.29
CA PHE C 730 -25.32 -21.13 12.74
C PHE C 730 -24.56 -22.35 13.24
N GLU C 731 -24.15 -23.24 12.35
CA GLU C 731 -23.15 -24.23 12.71
C GLU C 731 -21.74 -23.66 12.61
N ALA C 732 -21.57 -22.52 11.95
CA ALA C 732 -20.28 -21.85 11.81
C ALA C 732 -20.01 -20.89 12.98
N THR C 733 -20.84 -19.87 13.13
CA THR C 733 -20.70 -18.93 14.22
C THR C 733 -22.04 -18.74 14.92
N THR C 734 -21.98 -18.26 16.16
CA THR C 734 -23.19 -18.05 16.93
C THR C 734 -24.12 -17.05 16.24
N MET C 735 -23.54 -16.01 15.64
CA MET C 735 -24.33 -14.95 15.03
C MET C 735 -24.65 -15.20 13.55
N GLY C 736 -24.08 -16.24 12.95
CA GLY C 736 -24.48 -16.68 11.63
C GLY C 736 -23.55 -16.26 10.50
N GLY C 737 -22.53 -15.45 10.77
CA GLY C 737 -21.63 -15.04 9.73
C GLY C 737 -20.44 -15.98 9.56
N LYS C 738 -19.82 -15.91 8.40
CA LYS C 738 -18.59 -16.62 8.11
C LYS C 738 -17.49 -15.60 7.77
N ALA C 739 -16.34 -16.10 7.36
CA ALA C 739 -15.18 -15.23 7.15
C ALA C 739 -15.41 -14.29 5.97
N VAL C 740 -14.93 -13.06 6.13
CA VAL C 740 -15.07 -11.99 5.14
C VAL C 740 -13.71 -11.37 4.82
N GLY C 741 -13.04 -10.87 5.85
CA GLY C 741 -11.90 -9.98 5.63
C GLY C 741 -10.86 -10.50 4.65
N GLU C 742 -10.54 -11.80 4.73
CA GLU C 742 -9.52 -12.39 3.88
C GLU C 742 -10.08 -13.12 2.67
N LEU C 743 -11.39 -13.19 2.51
CA LEU C 743 -11.94 -14.02 1.45
C LEU C 743 -11.68 -13.43 0.07
N GLY C 744 -11.71 -12.10 -0.04
CA GLY C 744 -11.63 -11.46 -1.34
C GLY C 744 -10.33 -11.69 -2.08
N ILE C 745 -9.23 -11.96 -1.37
CA ILE C 745 -7.96 -12.15 -2.06
C ILE C 745 -7.76 -13.57 -2.57
N VAL C 746 -8.47 -14.55 -2.02
CA VAL C 746 -8.13 -15.95 -2.25
C VAL C 746 -8.52 -16.36 -3.66
N GLY C 747 -7.56 -16.92 -4.40
CA GLY C 747 -7.80 -17.36 -5.76
C GLY C 747 -7.74 -16.29 -6.83
N VAL C 748 -7.68 -15.01 -6.45
CA VAL C 748 -7.73 -13.96 -7.47
C VAL C 748 -6.50 -14.03 -8.37
N ALA C 749 -5.32 -14.22 -7.79
CA ALA C 749 -4.10 -14.23 -8.58
C ALA C 749 -4.12 -15.36 -9.60
N ALA C 750 -4.69 -16.50 -9.23
CA ALA C 750 -4.80 -17.60 -10.19
C ALA C 750 -5.75 -17.24 -11.32
N ALA C 751 -6.91 -16.66 -10.99
CA ALA C 751 -7.85 -16.29 -12.04
C ALA C 751 -7.23 -15.26 -12.99
N ILE C 752 -6.41 -14.35 -12.47
CA ILE C 752 -5.78 -13.38 -13.36
C ILE C 752 -4.76 -14.07 -14.24
N SER C 753 -4.00 -15.02 -13.68
CA SER C 753 -3.05 -15.78 -14.49
C SER C 753 -3.76 -16.62 -15.54
N ASN C 754 -4.86 -17.28 -15.14
CA ASN C 754 -5.67 -18.02 -16.10
C ASN C 754 -6.19 -17.12 -17.20
N ALA C 755 -6.51 -15.87 -16.87
CA ALA C 755 -7.03 -14.97 -17.89
C ALA C 755 -5.92 -14.52 -18.82
N VAL C 756 -4.74 -14.22 -18.27
CA VAL C 756 -3.61 -13.82 -19.11
C VAL C 756 -3.25 -14.94 -20.07
N PHE C 757 -3.26 -16.18 -19.59
CA PHE C 757 -2.99 -17.31 -20.49
C PHE C 757 -4.00 -17.34 -21.61
N HIS C 758 -5.28 -17.19 -21.28
CA HIS C 758 -6.34 -17.24 -22.29
C HIS C 758 -6.20 -16.13 -23.31
N ALA C 759 -5.60 -15.00 -22.92
CA ALA C 759 -5.39 -13.91 -23.87
C ALA C 759 -4.16 -14.13 -24.74
N THR C 760 -3.13 -14.74 -24.19
CA THR C 760 -1.80 -14.82 -24.78
C THR C 760 -1.45 -16.23 -25.25
N GLY C 761 -1.64 -17.21 -24.37
CA GLY C 761 -1.17 -18.56 -24.62
C GLY C 761 0.07 -18.90 -23.82
N LYS C 762 0.44 -18.07 -22.85
CA LYS C 762 1.60 -18.28 -22.01
C LYS C 762 1.13 -18.49 -20.58
N ARG C 763 1.49 -19.64 -20.01
CA ARG C 763 1.27 -19.86 -18.59
C ARG C 763 2.40 -19.19 -17.81
N VAL C 764 2.05 -18.24 -16.96
CA VAL C 764 3.01 -17.65 -16.04
C VAL C 764 2.71 -18.23 -14.68
N ARG C 765 3.56 -19.15 -14.21
CA ARG C 765 3.34 -19.79 -12.93
C ARG C 765 4.06 -19.11 -11.77
N GLY C 766 5.07 -18.28 -12.03
CA GLY C 766 5.64 -17.44 -10.98
C GLY C 766 5.01 -16.06 -10.99
N LEU C 767 4.69 -15.56 -9.81
CA LEU C 767 4.15 -14.20 -9.70
C LEU C 767 5.30 -13.24 -9.44
N PRO C 768 5.14 -11.97 -9.85
CA PRO C 768 3.97 -11.45 -10.55
C PRO C 768 4.10 -11.66 -12.04
N ILE C 769 3.06 -11.31 -12.80
CA ILE C 769 3.09 -11.45 -14.25
C ILE C 769 3.37 -10.07 -14.79
N THR C 770 4.63 -9.83 -15.15
CA THR C 770 5.02 -8.52 -15.63
C THR C 770 5.26 -8.59 -17.13
N LEU C 771 5.50 -7.43 -17.73
CA LEU C 771 5.52 -7.39 -19.19
C LEU C 771 6.69 -8.18 -19.75
N ASP C 772 7.81 -8.21 -19.04
CA ASP C 772 8.96 -8.97 -19.50
C ASP C 772 8.61 -10.44 -19.69
N LYS C 773 7.67 -10.97 -18.91
CA LYS C 773 7.33 -12.39 -19.00
C LYS C 773 6.31 -12.67 -20.09
N ILE C 774 5.82 -11.64 -20.79
CA ILE C 774 4.78 -11.78 -21.81
C ILE C 774 5.33 -11.46 -23.20
N ILE C 775 5.83 -10.24 -23.38
CA ILE C 775 6.83 -9.76 -24.37
C ILE C 775 6.50 -8.30 -24.65
#